data_6X5D
# 
_entry.id   6X5D 
# 
_audit_conform.dict_name       mmcif_pdbx.dic 
_audit_conform.dict_version    5.380 
_audit_conform.dict_location   http://mmcif.pdb.org/dictionaries/ascii/mmcif_pdbx.dic 
# 
loop_
_database_2.database_id 
_database_2.database_code 
_database_2.pdbx_database_accession 
_database_2.pdbx_DOI 
PDB   6X5D         pdb_00006x5d 10.2210/pdb6x5d/pdb 
WWPDB D_1000249598 ?            ?                   
# 
_pdbx_database_status.status_code                     REL 
_pdbx_database_status.status_code_sf                  REL 
_pdbx_database_status.status_code_mr                  ? 
_pdbx_database_status.entry_id                        6X5D 
_pdbx_database_status.recvd_initial_deposition_date   2020-05-25 
_pdbx_database_status.SG_entry                        N 
_pdbx_database_status.deposit_site                    RCSB 
_pdbx_database_status.process_site                    RCSB 
_pdbx_database_status.status_code_cs                  ? 
_pdbx_database_status.status_code_nmr_data            ? 
_pdbx_database_status.methods_development_category    ? 
_pdbx_database_status.pdb_format_compatible           Y 
# 
loop_
_audit_author.name 
_audit_author.pdbx_ordinal 
_audit_author.identifier_ORCID 
'Chen, C.'  1 ? 
'Fang, Z.'  2 ? 
'Huang, Z.' 3 ? 
# 
_citation.abstract                  ? 
_citation.abstract_id_CAS           ? 
_citation.book_id_ISBN              ? 
_citation.book_publisher            ? 
_citation.book_publisher_city       ? 
_citation.book_title                ? 
_citation.coordinate_linkage        ? 
_citation.country                   US 
_citation.database_id_Medline       ? 
_citation.details                   ? 
_citation.id                        primary 
_citation.journal_abbrev            'Cryst.Growth Des.' 
_citation.journal_id_ASTM           ? 
_citation.journal_id_CSD            ? 
_citation.journal_id_ISSN           1528-7505 
_citation.journal_full              ? 
_citation.journal_issue             ? 
_citation.journal_volume            22 
_citation.language                  ? 
_citation.page_first                3601 
_citation.page_last                 3604 
_citation.title                     
;2'-Beta-Selenium Atom on Thymidine to Control Beta-Form DNA Conformation and Large Crystal Formation
;
_citation.year                      2022 
_citation.database_id_CSD           ? 
_citation.pdbx_database_id_DOI      10.1021/acs.cgd.2c00474 
_citation.pdbx_database_id_PubMed   ? 
_citation.unpublished_flag          ? 
# 
loop_
_citation_author.citation_id 
_citation_author.name 
_citation_author.ordinal 
_citation_author.identifier_ORCID 
primary 'Chen, C.'  1 ? 
primary 'Fang, Z.'  2 ? 
primary 'Huang, Z.' 3 ? 
# 
_cell.angle_alpha                  90.000 
_cell.angle_alpha_esd              ? 
_cell.angle_beta                   90.000 
_cell.angle_beta_esd               ? 
_cell.angle_gamma                  90.000 
_cell.angle_gamma_esd              ? 
_cell.entry_id                     6X5D 
_cell.details                      ? 
_cell.formula_units_Z              ? 
_cell.length_a                     25.350 
_cell.length_a_esd                 ? 
_cell.length_b                     40.018 
_cell.length_b_esd                 ? 
_cell.length_c                     65.708 
_cell.length_c_esd                 ? 
_cell.volume                       ? 
_cell.volume_esd                   ? 
_cell.Z_PDB                        8 
_cell.reciprocal_angle_alpha       ? 
_cell.reciprocal_angle_beta        ? 
_cell.reciprocal_angle_gamma       ? 
_cell.reciprocal_angle_alpha_esd   ? 
_cell.reciprocal_angle_beta_esd    ? 
_cell.reciprocal_angle_gamma_esd   ? 
_cell.reciprocal_length_a          ? 
_cell.reciprocal_length_b          ? 
_cell.reciprocal_length_c          ? 
_cell.reciprocal_length_a_esd      ? 
_cell.reciprocal_length_b_esd      ? 
_cell.reciprocal_length_c_esd      ? 
_cell.pdbx_unique_axis             ? 
# 
_symmetry.entry_id                         6X5D 
_symmetry.cell_setting                     ? 
_symmetry.Int_Tables_number                19 
_symmetry.space_group_name_Hall            ? 
_symmetry.space_group_name_H-M             'P 21 21 21' 
_symmetry.pdbx_full_space_group_name_H-M   ? 
# 
loop_
_entity.id 
_entity.type 
_entity.src_method 
_entity.pdbx_description 
_entity.formula_weight 
_entity.pdbx_number_of_molecules 
_entity.pdbx_ec 
_entity.pdbx_mutation 
_entity.pdbx_fragment 
_entity.details 
1 polymer     syn 
;DNA (5'-D(*CP*GP*CP*GP*AP*AP*TP*(UWJ)P*CP*GP*CP*G)-3')
;
3756.379 2   ? ? ? ? 
2 non-polymer syn 'MAGNESIUM ION'                                          24.305   1   ? ? ? ? 
3 water       nat water                                                    18.015   128 ? ? ? ? 
# 
_entity_poly.entity_id                      1 
_entity_poly.type                           polydeoxyribonucleotide 
_entity_poly.nstd_linkage                   no 
_entity_poly.nstd_monomer                   yes 
_entity_poly.pdbx_seq_one_letter_code       '(DC)(DG)(DC)(DG)(DA)(DA)(DT)(UWJ)(DC)(DG)(DC)(DG)' 
_entity_poly.pdbx_seq_one_letter_code_can   CGCGAATXCGCG 
_entity_poly.pdbx_strand_id                 A,B 
_entity_poly.pdbx_target_identifier         ? 
# 
loop_
_entity_poly_seq.entity_id 
_entity_poly_seq.num 
_entity_poly_seq.mon_id 
_entity_poly_seq.hetero 
1 1  DC  n 
1 2  DG  n 
1 3  DC  n 
1 4  DG  n 
1 5  DA  n 
1 6  DA  n 
1 7  DT  n 
1 8  UWJ n 
1 9  DC  n 
1 10 DG  n 
1 11 DC  n 
1 12 DG  n 
# 
_pdbx_entity_src_syn.entity_id              1 
_pdbx_entity_src_syn.pdbx_src_id            1 
_pdbx_entity_src_syn.pdbx_alt_source_flag   sample 
_pdbx_entity_src_syn.pdbx_beg_seq_num       1 
_pdbx_entity_src_syn.pdbx_end_seq_num       12 
_pdbx_entity_src_syn.organism_scientific    'synthetic construct' 
_pdbx_entity_src_syn.organism_common_name   ? 
_pdbx_entity_src_syn.ncbi_taxonomy_id       32630 
_pdbx_entity_src_syn.details                ? 
# 
_struct_ref.id                         1 
_struct_ref.db_name                    PDB 
_struct_ref.db_code                    6X5D 
_struct_ref.pdbx_db_accession          6X5D 
_struct_ref.pdbx_db_isoform            ? 
_struct_ref.entity_id                  1 
_struct_ref.pdbx_seq_one_letter_code   ? 
_struct_ref.pdbx_align_begin           1 
# 
loop_
_struct_ref_seq.align_id 
_struct_ref_seq.ref_id 
_struct_ref_seq.pdbx_PDB_id_code 
_struct_ref_seq.pdbx_strand_id 
_struct_ref_seq.seq_align_beg 
_struct_ref_seq.pdbx_seq_align_beg_ins_code 
_struct_ref_seq.seq_align_end 
_struct_ref_seq.pdbx_seq_align_end_ins_code 
_struct_ref_seq.pdbx_db_accession 
_struct_ref_seq.db_align_beg 
_struct_ref_seq.pdbx_db_align_beg_ins_code 
_struct_ref_seq.db_align_end 
_struct_ref_seq.pdbx_db_align_end_ins_code 
_struct_ref_seq.pdbx_auth_seq_align_beg 
_struct_ref_seq.pdbx_auth_seq_align_end 
1 1 6X5D A 1 ? 12 ? 6X5D 1  ? 12 ? 1  12 
2 1 6X5D B 1 ? 12 ? 6X5D 13 ? 24 ? 13 24 
# 
loop_
_chem_comp.id 
_chem_comp.type 
_chem_comp.mon_nstd_flag 
_chem_comp.name 
_chem_comp.pdbx_synonyms 
_chem_comp.formula 
_chem_comp.formula_weight 
DA  'DNA linking' y "2'-DEOXYADENOSINE-5'-MONOPHOSPHATE"                                                                 ? 
'C10 H14 N5 O6 P'    331.222 
DC  'DNA linking' y "2'-DEOXYCYTIDINE-5'-MONOPHOSPHATE"                                                                  ? 
'C9 H14 N3 O7 P'     307.197 
DG  'DNA linking' y "2'-DEOXYGUANOSINE-5'-MONOPHOSPHATE"                                                                 ? 
'C10 H14 N5 O7 P'    347.221 
DT  'DNA linking' y "THYMIDINE-5'-MONOPHOSPHATE"                                                                         ? 
'C10 H15 N2 O8 P'    322.208 
HOH non-polymer   . WATER                                                                                                ? 'H2 O' 
18.015  
MG  non-polymer   . 'MAGNESIUM ION'                                                                                      ? 'Mg 2' 
24.305  
UWJ non-polymer   . '5-methyl-1-(2-Se-methyl-5-O-phosphono-2-seleno-beta-D-arabinofuranosyl)pyrimidine-2,4(1H,3H)-dione' ? 
'C11 H17 N2 O8 P Se' 415.195 
# 
_exptl.absorpt_coefficient_mu     ? 
_exptl.absorpt_correction_T_max   ? 
_exptl.absorpt_correction_T_min   ? 
_exptl.absorpt_correction_type    ? 
_exptl.absorpt_process_details    ? 
_exptl.entry_id                   6X5D 
_exptl.crystals_number            1 
_exptl.details                    ? 
_exptl.method                     'X-RAY DIFFRACTION' 
_exptl.method_details             ? 
# 
_exptl_crystal.colour                      ? 
_exptl_crystal.density_diffrn              ? 
_exptl_crystal.density_Matthews            2.22 
_exptl_crystal.density_method              ? 
_exptl_crystal.density_percent_sol         44.55 
_exptl_crystal.description                 ? 
_exptl_crystal.F_000                       ? 
_exptl_crystal.id                          1 
_exptl_crystal.preparation                 ? 
_exptl_crystal.size_max                    ? 
_exptl_crystal.size_mid                    ? 
_exptl_crystal.size_min                    ? 
_exptl_crystal.size_rad                    ? 
_exptl_crystal.colour_lustre               ? 
_exptl_crystal.colour_modifier             ? 
_exptl_crystal.colour_primary              ? 
_exptl_crystal.density_meas                ? 
_exptl_crystal.density_meas_esd            ? 
_exptl_crystal.density_meas_gt             ? 
_exptl_crystal.density_meas_lt             ? 
_exptl_crystal.density_meas_temp           ? 
_exptl_crystal.density_meas_temp_esd       ? 
_exptl_crystal.density_meas_temp_gt        ? 
_exptl_crystal.density_meas_temp_lt        ? 
_exptl_crystal.pdbx_crystal_image_url      ? 
_exptl_crystal.pdbx_crystal_image_format   ? 
_exptl_crystal.pdbx_mosaicity              ? 
_exptl_crystal.pdbx_mosaicity_esd          ? 
# 
_exptl_crystal_grow.apparatus       ? 
_exptl_crystal_grow.atmosphere      ? 
_exptl_crystal_grow.crystal_id      1 
_exptl_crystal_grow.details         ? 
_exptl_crystal_grow.method          'VAPOR DIFFUSION, HANGING DROP' 
_exptl_crystal_grow.method_ref      ? 
_exptl_crystal_grow.pH              6 
_exptl_crystal_grow.pressure        ? 
_exptl_crystal_grow.pressure_esd    ? 
_exptl_crystal_grow.seeding         ? 
_exptl_crystal_grow.seeding_ref     ? 
_exptl_crystal_grow.temp            298.15 
_exptl_crystal_grow.temp_details    ? 
_exptl_crystal_grow.temp_esd        ? 
_exptl_crystal_grow.time            ? 
_exptl_crystal_grow.pdbx_details    
;2-Methyl-2,4-pentanediol, Sodium cacodylate trihydrate, Spermine tetrahydrochloride, Sodium chloride, Potassium chloride, Magnesium chloride hexahydrate
;
_exptl_crystal_grow.pdbx_pH_range   ? 
# 
_diffrn.ambient_environment              ? 
_diffrn.ambient_temp                     99 
_diffrn.ambient_temp_details             ? 
_diffrn.ambient_temp_esd                 ? 
_diffrn.crystal_id                       1 
_diffrn.crystal_support                  ? 
_diffrn.crystal_treatment                ? 
_diffrn.details                          ? 
_diffrn.id                               1 
_diffrn.ambient_pressure                 ? 
_diffrn.ambient_pressure_esd             ? 
_diffrn.ambient_pressure_gt              ? 
_diffrn.ambient_pressure_lt              ? 
_diffrn.ambient_temp_gt                  ? 
_diffrn.ambient_temp_lt                  ? 
_diffrn.pdbx_serial_crystal_experiment   N 
# 
_diffrn_detector.details                      ? 
_diffrn_detector.detector                     CCD 
_diffrn_detector.diffrn_id                    1 
_diffrn_detector.type                         'ADSC QUANTUM 315r' 
_diffrn_detector.area_resol_mean              ? 
_diffrn_detector.dtime                        ? 
_diffrn_detector.pdbx_frames_total            ? 
_diffrn_detector.pdbx_collection_time_total   ? 
_diffrn_detector.pdbx_collection_date         2019-04-26 
_diffrn_detector.pdbx_frequency               ? 
# 
_diffrn_radiation.collimation                      ? 
_diffrn_radiation.diffrn_id                        1 
_diffrn_radiation.filter_edge                      ? 
_diffrn_radiation.inhomogeneity                    ? 
_diffrn_radiation.monochromator                    'Double-crystal Si(111) and multilayer' 
_diffrn_radiation.polarisn_norm                    ? 
_diffrn_radiation.polarisn_ratio                   ? 
_diffrn_radiation.probe                            ? 
_diffrn_radiation.type                             ? 
_diffrn_radiation.xray_symbol                      ? 
_diffrn_radiation.wavelength_id                    1 
_diffrn_radiation.pdbx_monochromatic_or_laue_m_l   M 
_diffrn_radiation.pdbx_wavelength_list             ? 
_diffrn_radiation.pdbx_wavelength                  ? 
_diffrn_radiation.pdbx_diffrn_protocol             'SINGLE WAVELENGTH' 
_diffrn_radiation.pdbx_analyzer                    ? 
_diffrn_radiation.pdbx_scattering_type             x-ray 
# 
_diffrn_radiation_wavelength.id           1 
_diffrn_radiation_wavelength.wavelength   0.969 
_diffrn_radiation_wavelength.wt           1.0 
# 
_diffrn_source.current                     ? 
_diffrn_source.details                     ? 
_diffrn_source.diffrn_id                   1 
_diffrn_source.power                       ? 
_diffrn_source.size                        ? 
_diffrn_source.source                      SYNCHROTRON 
_diffrn_source.target                      ? 
_diffrn_source.type                        'ALS BEAMLINE 8.2.1' 
_diffrn_source.voltage                     ? 
_diffrn_source.take-off_angle              ? 
_diffrn_source.pdbx_wavelength_list        0.969 
_diffrn_source.pdbx_wavelength             ? 
_diffrn_source.pdbx_synchrotron_beamline   8.2.1 
_diffrn_source.pdbx_synchrotron_site       ALS 
# 
_reflns.B_iso_Wilson_estimate            17.9 
_reflns.entry_id                         6X5D 
_reflns.data_reduction_details           ? 
_reflns.data_reduction_method            ? 
_reflns.d_resolution_high                1.15 
_reflns.d_resolution_low                 50 
_reflns.details                          ? 
_reflns.limit_h_max                      ? 
_reflns.limit_h_min                      ? 
_reflns.limit_k_max                      ? 
_reflns.limit_k_min                      ? 
_reflns.limit_l_max                      ? 
_reflns.limit_l_min                      ? 
_reflns.number_all                       ? 
_reflns.number_obs                       24146 
_reflns.observed_criterion               ? 
_reflns.observed_criterion_F_max         ? 
_reflns.observed_criterion_F_min         ? 
_reflns.observed_criterion_I_max         ? 
_reflns.observed_criterion_I_min         ? 
_reflns.observed_criterion_sigma_F       ? 
_reflns.observed_criterion_sigma_I       ? 
_reflns.percent_possible_obs             98.6 
_reflns.R_free_details                   ? 
_reflns.Rmerge_F_all                     ? 
_reflns.Rmerge_F_obs                     ? 
_reflns.Friedel_coverage                 ? 
_reflns.number_gt                        ? 
_reflns.threshold_expression             ? 
_reflns.pdbx_redundancy                  13.5 
_reflns.pdbx_Rmerge_I_obs                0.038 
_reflns.pdbx_Rmerge_I_all                ? 
_reflns.pdbx_Rsym_value                  ? 
_reflns.pdbx_netI_over_av_sigmaI         ? 
_reflns.pdbx_netI_over_sigmaI            45 
_reflns.pdbx_res_netI_over_av_sigmaI_2   ? 
_reflns.pdbx_res_netI_over_sigmaI_2      ? 
_reflns.pdbx_chi_squared                 0.916 
_reflns.pdbx_scaling_rejects             ? 
_reflns.pdbx_d_res_high_opt              ? 
_reflns.pdbx_d_res_low_opt               ? 
_reflns.pdbx_d_res_opt_method            ? 
_reflns.phase_calculation_details        ? 
_reflns.pdbx_Rrim_I_all                  0.040 
_reflns.pdbx_Rpim_I_all                  0.011 
_reflns.pdbx_d_opt                       ? 
_reflns.pdbx_number_measured_all         ? 
_reflns.pdbx_diffrn_id                   1 
_reflns.pdbx_ordinal                     1 
_reflns.pdbx_CC_half                     1 
_reflns.pdbx_CC_star                     1 
_reflns.pdbx_R_split                     ? 
# 
_reflns_shell.d_res_high                  1.15 
_reflns_shell.d_res_low                   1.17 
_reflns_shell.meanI_over_sigI_all         ? 
_reflns_shell.meanI_over_sigI_obs         ? 
_reflns_shell.number_measured_all         ? 
_reflns_shell.number_measured_obs         ? 
_reflns_shell.number_possible             ? 
_reflns_shell.number_unique_all           ? 
_reflns_shell.number_unique_obs           1078 
_reflns_shell.percent_possible_all        93.5 
_reflns_shell.percent_possible_obs        ? 
_reflns_shell.Rmerge_F_all                ? 
_reflns_shell.Rmerge_F_obs                ? 
_reflns_shell.Rmerge_I_all                ? 
_reflns_shell.Rmerge_I_obs                0.249 
_reflns_shell.meanI_over_sigI_gt          ? 
_reflns_shell.meanI_over_uI_all           ? 
_reflns_shell.meanI_over_uI_gt            ? 
_reflns_shell.number_measured_gt          ? 
_reflns_shell.number_unique_gt            ? 
_reflns_shell.percent_possible_gt         ? 
_reflns_shell.Rmerge_F_gt                 ? 
_reflns_shell.Rmerge_I_gt                 ? 
_reflns_shell.pdbx_redundancy             10.8 
_reflns_shell.pdbx_Rsym_value             ? 
_reflns_shell.pdbx_chi_squared            0.920 
_reflns_shell.pdbx_netI_over_sigmaI_all   ? 
_reflns_shell.pdbx_netI_over_sigmaI_obs   ? 
_reflns_shell.pdbx_Rrim_I_all             0.262 
_reflns_shell.pdbx_Rpim_I_all             0.077 
_reflns_shell.pdbx_rejects                ? 
_reflns_shell.pdbx_ordinal                1 
_reflns_shell.pdbx_diffrn_id              1 
_reflns_shell.pdbx_CC_half                0.982 
_reflns_shell.pdbx_CC_star                0.995 
_reflns_shell.pdbx_R_split                ? 
# 
_refine.aniso_B[1][1]                            -0.0000 
_refine.aniso_B[1][2]                            -0.0000 
_refine.aniso_B[1][3]                            -0.0000 
_refine.aniso_B[2][2]                            -0.0000 
_refine.aniso_B[2][3]                            0.0000 
_refine.aniso_B[3][3]                            0.0000 
_refine.B_iso_max                                49.210 
_refine.B_iso_mean                               17.9350 
_refine.B_iso_min                                11.790 
_refine.correlation_coeff_Fo_to_Fc               0.9570 
_refine.correlation_coeff_Fo_to_Fc_free          0.9420 
_refine.details                                  
'HYDROGENS HAVE BEEN ADDED IN THE RIDING POSITIONS U VALUES      : REFINED INDIVIDUALLY' 
_refine.diff_density_max                         ? 
_refine.diff_density_max_esd                     ? 
_refine.diff_density_min                         ? 
_refine.diff_density_min_esd                     ? 
_refine.diff_density_rms                         ? 
_refine.diff_density_rms_esd                     ? 
_refine.entry_id                                 6X5D 
_refine.pdbx_refine_id                           'X-RAY DIFFRACTION' 
_refine.ls_abs_structure_details                 ? 
_refine.ls_abs_structure_Flack                   ? 
_refine.ls_abs_structure_Flack_esd               ? 
_refine.ls_abs_structure_Rogers                  ? 
_refine.ls_abs_structure_Rogers_esd              ? 
_refine.ls_d_res_high                            1.1500 
_refine.ls_d_res_low                             34.1800 
_refine.ls_extinction_coef                       ? 
_refine.ls_extinction_coef_esd                   ? 
_refine.ls_extinction_expression                 ? 
_refine.ls_extinction_method                     ? 
_refine.ls_goodness_of_fit_all                   ? 
_refine.ls_goodness_of_fit_all_esd               ? 
_refine.ls_goodness_of_fit_obs                   ? 
_refine.ls_goodness_of_fit_obs_esd               ? 
_refine.ls_hydrogen_treatment                    ? 
_refine.ls_matrix_type                           ? 
_refine.ls_number_constraints                    ? 
_refine.ls_number_parameters                     ? 
_refine.ls_number_reflns_all                     ? 
_refine.ls_number_reflns_obs                     22851 
_refine.ls_number_reflns_R_free                  1214 
_refine.ls_number_reflns_R_work                  ? 
_refine.ls_number_restraints                     ? 
_refine.ls_percent_reflns_obs                    98.4000 
_refine.ls_percent_reflns_R_free                 5.0000 
_refine.ls_R_factor_all                          ? 
_refine.ls_R_factor_obs                          0.2078 
_refine.ls_R_factor_R_free                       0.2246 
_refine.ls_R_factor_R_free_error                 ? 
_refine.ls_R_factor_R_free_error_details         ? 
_refine.ls_R_factor_R_work                       0.2069 
_refine.ls_R_Fsqd_factor_obs                     ? 
_refine.ls_R_I_factor_obs                        ? 
_refine.ls_redundancy_reflns_all                 ? 
_refine.ls_redundancy_reflns_obs                 ? 
_refine.ls_restrained_S_all                      ? 
_refine.ls_restrained_S_obs                      ? 
_refine.ls_shift_over_esd_max                    ? 
_refine.ls_shift_over_esd_mean                   ? 
_refine.ls_structure_factor_coef                 ? 
_refine.ls_weighting_details                     ? 
_refine.ls_weighting_scheme                      ? 
_refine.ls_wR_factor_all                         ? 
_refine.ls_wR_factor_obs                         ? 
_refine.ls_wR_factor_R_free                      ? 
_refine.ls_wR_factor_R_work                      ? 
_refine.occupancy_max                            ? 
_refine.occupancy_min                            ? 
_refine.solvent_model_details                    MASK 
_refine.solvent_model_param_bsol                 ? 
_refine.solvent_model_param_ksol                 ? 
_refine.pdbx_R_complete                          ? 
_refine.ls_R_factor_gt                           ? 
_refine.ls_goodness_of_fit_gt                    ? 
_refine.ls_goodness_of_fit_ref                   ? 
_refine.ls_shift_over_su_max                     ? 
_refine.ls_shift_over_su_max_lt                  ? 
_refine.ls_shift_over_su_mean                    ? 
_refine.ls_shift_over_su_mean_lt                 ? 
_refine.pdbx_ls_sigma_I                          ? 
_refine.pdbx_ls_sigma_F                          0.000 
_refine.pdbx_ls_sigma_Fsqd                       ? 
_refine.pdbx_data_cutoff_high_absF               ? 
_refine.pdbx_data_cutoff_high_rms_absF           ? 
_refine.pdbx_data_cutoff_low_absF                ? 
_refine.pdbx_isotropic_thermal_model             ? 
_refine.pdbx_ls_cross_valid_method               THROUGHOUT 
_refine.pdbx_method_to_determine_struct          'MOLECULAR REPLACEMENT' 
_refine.pdbx_starting_model                      355D 
_refine.pdbx_stereochemistry_target_values       'MAXIMUM LIKELIHOOD' 
_refine.pdbx_R_Free_selection_details            RANDOM 
_refine.pdbx_stereochem_target_val_spec_case     ? 
_refine.pdbx_overall_ESU_R                       0.0420 
_refine.pdbx_overall_ESU_R_Free                  0.0440 
_refine.pdbx_solvent_vdw_probe_radii             1.2000 
_refine.pdbx_solvent_ion_probe_radii             0.8000 
_refine.pdbx_solvent_shrinkage_radii             0.8000 
_refine.pdbx_real_space_R                        ? 
_refine.pdbx_density_correlation                 ? 
_refine.pdbx_pd_number_of_powder_patterns        ? 
_refine.pdbx_pd_number_of_points                 ? 
_refine.pdbx_pd_meas_number_of_points            ? 
_refine.pdbx_pd_proc_ls_prof_R_factor            ? 
_refine.pdbx_pd_proc_ls_prof_wR_factor           ? 
_refine.pdbx_pd_Marquardt_correlation_coeff      ? 
_refine.pdbx_pd_Fsqrd_R_factor                   ? 
_refine.pdbx_pd_ls_matrix_band_width             ? 
_refine.pdbx_overall_phase_error                 ? 
_refine.pdbx_overall_SU_R_free_Cruickshank_DPI   ? 
_refine.pdbx_overall_SU_R_free_Blow_DPI          ? 
_refine.pdbx_overall_SU_R_Blow_DPI               ? 
_refine.pdbx_TLS_residual_ADP_flag               ? 
_refine.pdbx_diffrn_id                           1 
_refine.overall_SU_B                             0.5550 
_refine.overall_SU_ML                            0.0270 
_refine.overall_SU_R_Cruickshank_DPI             ? 
_refine.overall_SU_R_free                        ? 
_refine.overall_FOM_free_R_set                   ? 
_refine.overall_FOM_work_R_set                   ? 
_refine.pdbx_average_fsc_overall                 ? 
_refine.pdbx_average_fsc_work                    ? 
_refine.pdbx_average_fsc_free                    ? 
# 
_refine_hist.pdbx_refine_id                   'X-RAY DIFFRACTION' 
_refine_hist.cycle_id                         final 
_refine_hist.details                          ? 
_refine_hist.d_res_high                       1.1500 
_refine_hist.d_res_low                        34.1800 
_refine_hist.number_atoms_solvent             128 
_refine_hist.number_atoms_total               619 
_refine_hist.number_reflns_all                ? 
_refine_hist.number_reflns_obs                ? 
_refine_hist.number_reflns_R_free             ? 
_refine_hist.number_reflns_R_work             ? 
_refine_hist.R_factor_all                     ? 
_refine_hist.R_factor_obs                     ? 
_refine_hist.R_factor_R_free                  ? 
_refine_hist.R_factor_R_work                  ? 
_refine_hist.pdbx_number_residues_total       24 
_refine_hist.pdbx_B_iso_mean_ligand           15.08 
_refine_hist.pdbx_B_iso_mean_solvent          27.74 
_refine_hist.pdbx_number_atoms_protein        0 
_refine_hist.pdbx_number_atoms_nucleic_acid   490 
_refine_hist.pdbx_number_atoms_ligand         1 
_refine_hist.pdbx_number_atoms_lipid          ? 
_refine_hist.pdbx_number_atoms_carb           ? 
_refine_hist.pdbx_pseudo_atom_details         ? 
# 
loop_
_refine_ls_restr.pdbx_refine_id 
_refine_ls_restr.criterion 
_refine_ls_restr.dev_ideal 
_refine_ls_restr.dev_ideal_target 
_refine_ls_restr.number 
_refine_ls_restr.rejects 
_refine_ls_restr.type 
_refine_ls_restr.weight 
_refine_ls_restr.pdbx_restraint_function 
'X-RAY DIFFRACTION' ? 0.019 0.012 549 ? r_bond_refined_d     ? ? 
'X-RAY DIFFRACTION' ? 0.003 0.021 277 ? r_bond_other_d       ? ? 
'X-RAY DIFFRACTION' ? 2.080 1.313 843 ? r_angle_refined_deg  ? ? 
'X-RAY DIFFRACTION' ? 2.749 3.048 651 ? r_angle_other_deg    ? ? 
'X-RAY DIFFRACTION' ? 0.112 0.200 76  ? r_chiral_restr       ? ? 
'X-RAY DIFFRACTION' ? 0.046 0.020 292 ? r_gen_planes_refined ? ? 
'X-RAY DIFFRACTION' ? 0.009 0.020 128 ? r_gen_planes_other   ? ? 
# 
_refine_ls_shell.pdbx_refine_id                   'X-RAY DIFFRACTION' 
_refine_ls_shell.d_res_high                       1.1500 
_refine_ls_shell.d_res_low                        1.1800 
_refine_ls_shell.number_reflns_all                1628 
_refine_ls_shell.number_reflns_obs                ? 
_refine_ls_shell.number_reflns_R_free             71 
_refine_ls_shell.number_reflns_R_work             1557 
_refine_ls_shell.percent_reflns_obs               93.3000 
_refine_ls_shell.percent_reflns_R_free            ? 
_refine_ls_shell.R_factor_all                     ? 
_refine_ls_shell.R_factor_obs                     ? 
_refine_ls_shell.R_factor_R_free                  0.2700 
_refine_ls_shell.R_factor_R_free_error            0.0000 
_refine_ls_shell.R_factor_R_work                  0.2690 
_refine_ls_shell.redundancy_reflns_all            ? 
_refine_ls_shell.redundancy_reflns_obs            ? 
_refine_ls_shell.wR_factor_all                    ? 
_refine_ls_shell.wR_factor_obs                    ? 
_refine_ls_shell.wR_factor_R_free                 ? 
_refine_ls_shell.wR_factor_R_work                 ? 
_refine_ls_shell.pdbx_R_complete                  ? 
_refine_ls_shell.pdbx_total_number_of_bins_used   20 
_refine_ls_shell.pdbx_phase_error                 ? 
_refine_ls_shell.pdbx_fsc_work                    ? 
_refine_ls_shell.pdbx_fsc_free                    ? 
# 
_struct.entry_id                     6X5D 
_struct.title                        
;Structure of Dickerson-Drew Dodecamer with 2'-MeSe-ara-T modification
;
_struct.pdbx_model_details           ? 
_struct.pdbx_formula_weight          ? 
_struct.pdbx_formula_weight_method   ? 
_struct.pdbx_model_type_details      ? 
_struct.pdbx_CASP_flag               N 
# 
_struct_keywords.entry_id        6X5D 
_struct_keywords.text            'Selenium modification, DNA' 
_struct_keywords.pdbx_keywords   DNA 
# 
loop_
_struct_asym.id 
_struct_asym.pdbx_blank_PDB_chainid_flag 
_struct_asym.pdbx_modified 
_struct_asym.entity_id 
_struct_asym.details 
A N N 1 ? 
B N N 1 ? 
C N N 2 ? 
D N N 3 ? 
E N N 3 ? 
# 
loop_
_struct_conn.id 
_struct_conn.conn_type_id 
_struct_conn.pdbx_leaving_atom_flag 
_struct_conn.pdbx_PDB_id 
_struct_conn.ptnr1_label_asym_id 
_struct_conn.ptnr1_label_comp_id 
_struct_conn.ptnr1_label_seq_id 
_struct_conn.ptnr1_label_atom_id 
_struct_conn.pdbx_ptnr1_label_alt_id 
_struct_conn.pdbx_ptnr1_PDB_ins_code 
_struct_conn.pdbx_ptnr1_standard_comp_id 
_struct_conn.ptnr1_symmetry 
_struct_conn.ptnr2_label_asym_id 
_struct_conn.ptnr2_label_comp_id 
_struct_conn.ptnr2_label_seq_id 
_struct_conn.ptnr2_label_atom_id 
_struct_conn.pdbx_ptnr2_label_alt_id 
_struct_conn.pdbx_ptnr2_PDB_ins_code 
_struct_conn.ptnr1_auth_asym_id 
_struct_conn.ptnr1_auth_comp_id 
_struct_conn.ptnr1_auth_seq_id 
_struct_conn.ptnr2_auth_asym_id 
_struct_conn.ptnr2_auth_comp_id 
_struct_conn.ptnr2_auth_seq_id 
_struct_conn.ptnr2_symmetry 
_struct_conn.pdbx_ptnr3_label_atom_id 
_struct_conn.pdbx_ptnr3_label_seq_id 
_struct_conn.pdbx_ptnr3_label_comp_id 
_struct_conn.pdbx_ptnr3_label_asym_id 
_struct_conn.pdbx_ptnr3_label_alt_id 
_struct_conn.pdbx_ptnr3_PDB_ins_code 
_struct_conn.details 
_struct_conn.pdbx_dist_value 
_struct_conn.pdbx_value_order 
_struct_conn.pdbx_role 
covale1  covale both ? A DT  7  "O3'" ? ? ? 1_555 A UWJ 8  P  ? ? A DT  7   A UWJ 8   1_555 ? ? ? ? ? ? ?            1.592 ? ? 
covale2  covale one  ? A UWJ 8  "O3'" ? ? ? 1_555 A DC  9  P  ? ? A UWJ 8   A DC  9   1_555 ? ? ? ? ? ? ?            1.674 ? ? 
covale3  covale both ? B DT  7  "O3'" ? ? ? 1_555 B UWJ 8  P  ? ? B DT  19  B UWJ 20  1_555 ? ? ? ? ? ? ?            1.617 ? ? 
covale4  covale one  ? B UWJ 8  "O3'" ? ? ? 1_555 B DC  9  P  ? ? B UWJ 20  B DC  21  1_555 ? ? ? ? ? ? ?            1.624 ? ? 
metalc1  metalc ?    ? C MG  .  MG    ? ? ? 1_555 D HOH .  O  ? ? A MG  101 A HOH 205 3_645 ? ? ? ? ? ? ?            2.048 ? ? 
metalc2  metalc ?    ? C MG  .  MG    ? ? ? 1_555 D HOH .  O  ? ? A MG  101 A HOH 215 1_555 ? ? ? ? ? ? ?            2.036 ? ? 
metalc3  metalc ?    ? C MG  .  MG    ? ? ? 1_555 D HOH .  O  ? ? A MG  101 A HOH 220 1_555 ? ? ? ? ? ? ?            2.059 ? ? 
metalc4  metalc ?    ? C MG  .  MG    ? ? ? 1_555 D HOH .  O  ? ? A MG  101 A HOH 222 3_645 ? ? ? ? ? ? ?            2.118 ? ? 
metalc5  metalc ?    ? C MG  .  MG    ? ? ? 1_555 D HOH .  O  ? ? A MG  101 A HOH 235 1_555 ? ? ? ? ? ? ?            2.077 ? ? 
metalc6  metalc ?    ? C MG  .  MG    ? ? ? 1_555 E HOH .  O  ? ? A MG  101 B HOH 112 3_645 ? ? ? ? ? ? ?            2.050 ? ? 
hydrog1  hydrog ?    ? A DC  1  N3    ? ? ? 1_555 B DG  12 N1 ? ? A DC  1   B DG  24  1_555 ? ? ? ? ? ? WATSON-CRICK ?     ? ? 
hydrog2  hydrog ?    ? A DC  1  N4    ? ? ? 1_555 B DG  12 O6 ? ? A DC  1   B DG  24  1_555 ? ? ? ? ? ? WATSON-CRICK ?     ? ? 
hydrog3  hydrog ?    ? A DC  1  O2    ? ? ? 1_555 B DG  12 N2 ? ? A DC  1   B DG  24  1_555 ? ? ? ? ? ? WATSON-CRICK ?     ? ? 
hydrog4  hydrog ?    ? A DG  2  N1    ? ? ? 1_555 B DC  11 N3 ? ? A DG  2   B DC  23  1_555 ? ? ? ? ? ? WATSON-CRICK ?     ? ? 
hydrog5  hydrog ?    ? A DG  2  N2    ? ? ? 1_555 B DC  11 O2 ? ? A DG  2   B DC  23  1_555 ? ? ? ? ? ? WATSON-CRICK ?     ? ? 
hydrog6  hydrog ?    ? A DG  2  O6    ? ? ? 1_555 B DC  11 N4 ? ? A DG  2   B DC  23  1_555 ? ? ? ? ? ? WATSON-CRICK ?     ? ? 
hydrog7  hydrog ?    ? A DC  3  N3    ? ? ? 1_555 B DG  10 N1 ? ? A DC  3   B DG  22  1_555 ? ? ? ? ? ? WATSON-CRICK ?     ? ? 
hydrog8  hydrog ?    ? A DC  3  N4    ? ? ? 1_555 B DG  10 O6 ? ? A DC  3   B DG  22  1_555 ? ? ? ? ? ? WATSON-CRICK ?     ? ? 
hydrog9  hydrog ?    ? A DC  3  O2    ? ? ? 1_555 B DG  10 N2 ? ? A DC  3   B DG  22  1_555 ? ? ? ? ? ? WATSON-CRICK ?     ? ? 
hydrog10 hydrog ?    ? A DG  4  N1    ? ? ? 1_555 B DC  9  N3 ? ? A DG  4   B DC  21  1_555 ? ? ? ? ? ? WATSON-CRICK ?     ? ? 
hydrog11 hydrog ?    ? A DG  4  N2    ? ? ? 1_555 B DC  9  O2 ? ? A DG  4   B DC  21  1_555 ? ? ? ? ? ? WATSON-CRICK ?     ? ? 
hydrog12 hydrog ?    ? A DG  4  O6    ? ? ? 1_555 B DC  9  N4 ? ? A DG  4   B DC  21  1_555 ? ? ? ? ? ? WATSON-CRICK ?     ? ? 
hydrog13 hydrog ?    ? A DA  6  N1    ? ? ? 1_555 B DT  7  N3 ? ? A DA  6   B DT  19  1_555 ? ? ? ? ? ? WATSON-CRICK ?     ? ? 
hydrog14 hydrog ?    ? A DA  6  N6    ? ? ? 1_555 B DT  7  O4 ? ? A DA  6   B DT  19  1_555 ? ? ? ? ? ? WATSON-CRICK ?     ? ? 
hydrog15 hydrog ?    ? A DT  7  N3    ? ? ? 1_555 B DA  6  N1 ? ? A DT  7   B DA  18  1_555 ? ? ? ? ? ? WATSON-CRICK ?     ? ? 
hydrog16 hydrog ?    ? A DT  7  O4    ? ? ? 1_555 B DA  6  N6 ? ? A DT  7   B DA  18  1_555 ? ? ? ? ? ? WATSON-CRICK ?     ? ? 
hydrog17 hydrog ?    ? A DC  9  N3    ? ? ? 1_555 B DG  4  N1 ? ? A DC  9   B DG  16  1_555 ? ? ? ? ? ? WATSON-CRICK ?     ? ? 
hydrog18 hydrog ?    ? A DC  9  N4    ? ? ? 1_555 B DG  4  O6 ? ? A DC  9   B DG  16  1_555 ? ? ? ? ? ? WATSON-CRICK ?     ? ? 
hydrog19 hydrog ?    ? A DC  9  O2    ? ? ? 1_555 B DG  4  N2 ? ? A DC  9   B DG  16  1_555 ? ? ? ? ? ? WATSON-CRICK ?     ? ? 
hydrog20 hydrog ?    ? A DG  10 N1    ? ? ? 1_555 B DC  3  N3 ? ? A DG  10  B DC  15  1_555 ? ? ? ? ? ? WATSON-CRICK ?     ? ? 
hydrog21 hydrog ?    ? A DG  10 N2    ? ? ? 1_555 B DC  3  O2 ? ? A DG  10  B DC  15  1_555 ? ? ? ? ? ? WATSON-CRICK ?     ? ? 
hydrog22 hydrog ?    ? A DG  10 O6    ? ? ? 1_555 B DC  3  N4 ? ? A DG  10  B DC  15  1_555 ? ? ? ? ? ? WATSON-CRICK ?     ? ? 
hydrog23 hydrog ?    ? A DC  11 N3    ? ? ? 1_555 B DG  2  N1 ? ? A DC  11  B DG  14  1_555 ? ? ? ? ? ? WATSON-CRICK ?     ? ? 
hydrog24 hydrog ?    ? A DC  11 N4    ? ? ? 1_555 B DG  2  O6 ? ? A DC  11  B DG  14  1_555 ? ? ? ? ? ? WATSON-CRICK ?     ? ? 
hydrog25 hydrog ?    ? A DC  11 O2    ? ? ? 1_555 B DG  2  N2 ? ? A DC  11  B DG  14  1_555 ? ? ? ? ? ? WATSON-CRICK ?     ? ? 
hydrog26 hydrog ?    ? A DG  12 N1    ? ? ? 1_555 B DC  1  N3 ? ? A DG  12  B DC  13  1_555 ? ? ? ? ? ? WATSON-CRICK ?     ? ? 
hydrog27 hydrog ?    ? A DG  12 N2    ? ? ? 1_555 B DC  1  O2 ? ? A DG  12  B DC  13  1_555 ? ? ? ? ? ? WATSON-CRICK ?     ? ? 
hydrog28 hydrog ?    ? A DG  12 O6    ? ? ? 1_555 B DC  1  N4 ? ? A DG  12  B DC  13  1_555 ? ? ? ? ? ? WATSON-CRICK ?     ? ? 
# 
loop_
_struct_conn_type.id 
_struct_conn_type.criteria 
_struct_conn_type.reference 
covale ? ? 
metalc ? ? 
hydrog ? ? 
# 
_atom_sites.entry_id                    6X5D 
_atom_sites.Cartn_transf_matrix[1][1]   ? 
_atom_sites.Cartn_transf_matrix[1][2]   ? 
_atom_sites.Cartn_transf_matrix[1][3]   ? 
_atom_sites.Cartn_transf_matrix[2][1]   ? 
_atom_sites.Cartn_transf_matrix[2][2]   ? 
_atom_sites.Cartn_transf_matrix[2][3]   ? 
_atom_sites.Cartn_transf_matrix[3][1]   ? 
_atom_sites.Cartn_transf_matrix[3][2]   ? 
_atom_sites.Cartn_transf_matrix[3][3]   ? 
_atom_sites.Cartn_transf_vector[1]      ? 
_atom_sites.Cartn_transf_vector[2]      ? 
_atom_sites.Cartn_transf_vector[3]      ? 
_atom_sites.fract_transf_matrix[1][1]   0.00052199 
_atom_sites.fract_transf_matrix[1][2]   0.01969524 
_atom_sites.fract_transf_matrix[1][3]   -0.03417557 
_atom_sites.fract_transf_matrix[2][1]   0.02148937 
_atom_sites.fract_transf_matrix[2][2]   0.01090534 
_atom_sites.fract_transf_matrix[2][3]   0.00661292 
_atom_sites.fract_transf_matrix[3][1]   0.00776476 
_atom_sites.fract_transf_matrix[3][2]   -0.01139169 
_atom_sites.fract_transf_matrix[3][3]   -0.00644639 
_atom_sites.fract_transf_vector[1]      0.573291 
_atom_sites.fract_transf_vector[2]      0.516613 
_atom_sites.fract_transf_vector[3]      0.139371 
_atom_sites.solution_primary            ? 
_atom_sites.solution_secondary          ? 
_atom_sites.solution_hydrogens          ? 
_atom_sites.special_details             ? 
# 
loop_
_atom_type.symbol 
C  
MG 
N  
O  
P  
SE 
# 
loop_
_atom_site.group_PDB 
_atom_site.id 
_atom_site.type_symbol 
_atom_site.label_atom_id 
_atom_site.label_alt_id 
_atom_site.label_comp_id 
_atom_site.label_asym_id 
_atom_site.label_entity_id 
_atom_site.label_seq_id 
_atom_site.pdbx_PDB_ins_code 
_atom_site.Cartn_x 
_atom_site.Cartn_y 
_atom_site.Cartn_z 
_atom_site.occupancy 
_atom_site.B_iso_or_equiv 
_atom_site.pdbx_formal_charge 
_atom_site.auth_seq_id 
_atom_site.auth_comp_id 
_atom_site.auth_asym_id 
_atom_site.auth_atom_id 
_atom_site.pdbx_PDB_model_num 
ATOM   1   O  "O5'" A DC  A 1 1  ? 19.344  -1.565  -7.801  0.80 16.99 ? 1   DC  A "O5'" 1 
ATOM   2   O  "O5'" B DC  A 1 1  ? 18.181  -3.777  -6.641  0.20 19.21 ? 1   DC  A "O5'" 1 
ATOM   3   C  "C5'" . DC  A 1 1  ? 18.509  -2.710  -7.547  1.00 16.23 ? 1   DC  A "C5'" 1 
ATOM   4   C  "C4'" . DC  A 1 1  ? 17.500  -2.737  -8.674  1.00 15.72 ? 1   DC  A "C4'" 1 
ATOM   5   O  "O4'" . DC  A 1 1  ? 16.785  -3.996  -8.654  1.00 14.77 ? 1   DC  A "O4'" 1 
ATOM   6   C  "C3'" . DC  A 1 1  ? 16.434  -1.675  -8.541  1.00 16.35 ? 1   DC  A "C3'" 1 
ATOM   7   O  "O3'" . DC  A 1 1  ? 16.039  -1.285  -9.876  1.00 19.01 ? 1   DC  A "O3'" 1 
ATOM   8   C  "C2'" . DC  A 1 1  ? 15.285  -2.398  -7.866  1.00 15.46 ? 1   DC  A "C2'" 1 
ATOM   9   C  "C1'" . DC  A 1 1  ? 15.385  -3.797  -8.449  1.00 13.63 ? 1   DC  A "C1'" 1 
ATOM   10  N  N1    . DC  A 1 1  ? 14.929  -4.919  -7.627  1.00 13.41 ? 1   DC  A N1    1 
ATOM   11  C  C2    . DC  A 1 1  ? 14.274  -5.980  -8.262  1.00 14.10 ? 1   DC  A C2    1 
ATOM   12  O  O2    . DC  A 1 1  ? 14.001  -5.874  -9.469  1.00 15.31 ? 1   DC  A O2    1 
ATOM   13  N  N3    . DC  A 1 1  ? 13.920  -7.062  -7.551  1.00 13.10 ? 1   DC  A N3    1 
ATOM   14  C  C4    . DC  A 1 1  ? 14.214  -7.129  -6.251  1.00 13.11 ? 1   DC  A C4    1 
ATOM   15  N  N4    . DC  A 1 1  ? 13.838  -8.210  -5.576  1.00 14.69 ? 1   DC  A N4    1 
ATOM   16  C  C5    . DC  A 1 1  ? 14.906  -6.079  -5.586  1.00 14.09 ? 1   DC  A C5    1 
ATOM   17  C  C6    . DC  A 1 1  ? 15.258  -5.011  -6.306  1.00 13.85 ? 1   DC  A C6    1 
ATOM   18  P  P     . DG  A 1 2  ? 15.072  -0.021  -10.141 1.00 21.60 ? 2   DG  A P     1 
ATOM   19  O  OP1   . DG  A 1 2  ? 15.551  0.673   -11.391 1.00 26.41 ? 2   DG  A OP1   1 
ATOM   20  O  OP2   . DG  A 1 2  ? 14.928  0.746   -8.947  1.00 23.82 ? 2   DG  A OP2   1 
ATOM   21  O  "O5'" . DG  A 1 2  ? 13.657  -0.706  -10.398 1.00 20.72 ? 2   DG  A "O5'" 1 
ATOM   22  C  "C5'" . DG  A 1 2  ? 13.479  -1.460  -11.590 1.00 20.28 ? 2   DG  A "C5'" 1 
ATOM   23  C  "C4'" . DG  A 1 2  ? 12.033  -1.872  -11.711 1.00 17.07 ? 2   DG  A "C4'" 1 
ATOM   24  O  "O4'" . DG  A 1 2  ? 11.776  -2.996  -10.804 1.00 17.75 ? 2   DG  A "O4'" 1 
ATOM   25  C  "C3'" . DG  A 1 2  ? 11.013  -0.803  -11.321 1.00 16.41 ? 2   DG  A "C3'" 1 
ATOM   26  O  "O3'" . DG  A 1 2  ? 9.989   -0.946  -12.313 1.00 18.97 ? 2   DG  A "O3'" 1 
ATOM   27  C  "C2'" . DG  A 1 2  ? 10.575  -1.216  -9.929  1.00 16.53 ? 2   DG  A "C2'" 1 
ATOM   28  C  "C1'" . DG  A 1 2  ? 10.654  -2.717  -10.003 1.00 15.93 ? 2   DG  A "C1'" 1 
ATOM   29  N  N9    . DG  A 1 2  ? 10.864  -3.399  -8.740  1.00 14.81 ? 2   DG  A N9    1 
ATOM   30  C  C8    . DG  A 1 2  ? 11.578  -2.970  -7.649  1.00 15.09 ? 2   DG  A C8    1 
ATOM   31  N  N7    . DG  A 1 2  ? 11.588  -3.843  -6.679  1.00 13.43 ? 2   DG  A N7    1 
ATOM   32  C  C5    . DG  A 1 2  ? 10.930  -4.951  -7.206  1.00 13.26 ? 2   DG  A C5    1 
ATOM   33  C  C6    . DG  A 1 2  ? 10.622  -6.205  -6.621  1.00 12.36 ? 2   DG  A C6    1 
ATOM   34  O  O6    . DG  A 1 2  ? 10.955  -6.633  -5.499  1.00 13.25 ? 2   DG  A O6    1 
ATOM   35  N  N1    . DG  A 1 2  ? 9.896   -7.015  -7.487  1.00 12.09 ? 2   DG  A N1    1 
ATOM   36  C  C2    . DG  A 1 2  ? 9.467   -6.642  -8.736  1.00 12.13 ? 2   DG  A C2    1 
ATOM   37  N  N2    . DG  A 1 2  ? 8.786   -7.554  -9.433  1.00 12.71 ? 2   DG  A N2    1 
ATOM   38  N  N3    . DG  A 1 2  ? 9.758   -5.475  -9.291  1.00 12.94 ? 2   DG  A N3    1 
ATOM   39  C  C4    . DG  A 1 2  ? 10.474  -4.688  -8.472  1.00 12.57 ? 2   DG  A C4    1 
ATOM   40  P  P     . DC  A 1 3  ? 8.856   0.130   -12.593 1.00 17.50 ? 3   DC  A P     1 
ATOM   41  O  OP1   . DC  A 1 3  ? 8.913   0.552   -14.055 1.00 21.89 ? 3   DC  A OP1   1 
ATOM   42  O  OP2   . DC  A 1 3  ? 8.862   1.068   -11.553 1.00 21.80 ? 3   DC  A OP2   1 
ATOM   43  O  "O5'" . DC  A 1 3  ? 7.522   -0.686  -12.447 1.00 19.74 ? 3   DC  A "O5'" 1 
ATOM   44  C  "C5'" . DC  A 1 3  ? 7.296   -1.831  -13.257 1.00 17.72 ? 3   DC  A "C5'" 1 
ATOM   45  C  "C4'" . DC  A 1 3  ? 6.516   -2.827  -12.437 1.00 17.09 ? 3   DC  A "C4'" 1 
ATOM   46  O  "O4'" . DC  A 1 3  ? 7.267   -3.263  -11.310 1.00 17.49 ? 3   DC  A "O4'" 1 
ATOM   47  C  "C3'" . DC  A 1 3  ? 5.223   -2.308  -11.812 1.00 17.64 ? 3   DC  A "C3'" 1 
ATOM   48  O  "O3'" . DC  A 1 3  ? 4.173   -2.310  -12.756 1.00 22.84 ? 3   DC  A "O3'" 1 
ATOM   49  C  "C2'" . DC  A 1 3  ? 4.966   -3.303  -10.689 1.00 20.48 ? 3   DC  A "C2'" 1 
ATOM   50  C  "C1'" . DC  A 1 3  ? 6.339   -3.830  -10.366 1.00 17.47 ? 3   DC  A "C1'" 1 
ATOM   51  N  N1    . DC  A 1 3  ? 6.838   -3.542  -9.043  1.00 16.23 ? 3   DC  A N1    1 
ATOM   52  C  C2    . DC  A 1 3  ? 6.781   -4.554  -8.089  1.00 14.02 ? 3   DC  A C2    1 
ATOM   53  O  O2    . DC  A 1 3  ? 6.232   -5.611  -8.385  1.00 14.84 ? 3   DC  A O2    1 
ATOM   54  N  N3    . DC  A 1 3  ? 7.370   -4.357  -6.898  1.00 14.66 ? 3   DC  A N3    1 
ATOM   55  C  C4    . DC  A 1 3  ? 7.923   -3.173  -6.610  1.00 15.60 ? 3   DC  A C4    1 
ATOM   56  N  N4    . DC  A 1 3  ? 8.494   -3.023  -5.419  1.00 16.29 ? 3   DC  A N4    1 
ATOM   57  C  C5    . DC  A 1 3  ? 7.904   -2.088  -7.533  1.00 17.66 ? 3   DC  A C5    1 
ATOM   58  C  C6    . DC  A 1 3  ? 7.357   -2.315  -8.723  1.00 16.63 ? 3   DC  A C6    1 
ATOM   59  P  P     . DG  A 1 4  ? 2.740   -1.653  -12.385 1.00 23.83 ? 4   DG  A P     1 
ATOM   60  O  OP1   . DG  A 1 4  ? 2.048   -1.350  -13.656 1.00 28.96 ? 4   DG  A OP1   1 
ATOM   61  O  OP2   . DG  A 1 4  ? 2.916   -0.593  -11.322 1.00 26.64 ? 4   DG  A OP2   1 
ATOM   62  O  "O5'" . DG  A 1 4  ? 2.032   -2.819  -11.559 1.00 20.21 ? 4   DG  A "O5'" 1 
ATOM   63  C  "C5'" . DG  A 1 4  ? 1.807   -4.097  -12.095 1.00 21.58 ? 4   DG  A "C5'" 1 
ATOM   64  C  "C4'" . DG  A 1 4  ? 1.080   -4.928  -11.062 1.00 20.35 ? 4   DG  A "C4'" 1 
ATOM   65  O  "O4'" . DG  A 1 4  ? 1.939   -5.111  -9.928  1.00 18.66 ? 4   DG  A "O4'" 1 
ATOM   66  C  "C3'" . DG  A 1 4  ? -0.215  -4.300  -10.540 1.00 21.06 ? 4   DG  A "C3'" 1 
ATOM   67  O  "O3'" . DG  A 1 4  ? -1.192  -5.339  -10.410 1.00 23.42 ? 4   DG  A "O3'" 1 
ATOM   68  C  "C2'" . DG  A 1 4  ? 0.205   -3.702  -9.220  1.00 20.14 ? 4   DG  A "C2'" 1 
ATOM   69  C  "C1'" . DG  A 1 4  ? 1.317   -4.612  -8.765  1.00 17.53 ? 4   DG  A "C1'" 1 
ATOM   70  N  N9    . DG  A 1 4  ? 2.318   -3.929  -7.990  1.00 16.90 ? 4   DG  A N9    1 
ATOM   71  C  C8    . DG  A 1 4  ? 2.794   -2.658  -8.181  1.00 16.96 ? 4   DG  A C8    1 
ATOM   72  N  N7    . DG  A 1 4  ? 3.679   -2.303  -7.296  1.00 18.20 ? 4   DG  A N7    1 
ATOM   73  C  C5    . DG  A 1 4  ? 3.781   -3.405  -6.455  1.00 16.44 ? 4   DG  A C5    1 
ATOM   74  C  C6    . DG  A 1 4  ? 4.546   -3.590  -5.288  1.00 16.15 ? 4   DG  A C6    1 
ATOM   75  O  O6    . DG  A 1 4  ? 5.315   -2.809  -4.755  1.00 16.86 ? 4   DG  A O6    1 
ATOM   76  N  N1    . DG  A 1 4  ? 4.334   -4.843  -4.731  1.00 15.17 ? 4   DG  A N1    1 
ATOM   77  C  C2    . DG  A 1 4  ? 3.481   -5.787  -5.231  1.00 16.63 ? 4   DG  A C2    1 
ATOM   78  N  N2    . DG  A 1 4  ? 3.380   -6.920  -4.566  1.00 16.52 ? 4   DG  A N2    1 
ATOM   79  N  N3    . DG  A 1 4  ? 2.769   -5.624  -6.326  1.00 16.08 ? 4   DG  A N3    1 
ATOM   80  C  C4    . DG  A 1 4  ? 2.942   -4.412  -6.863  1.00 15.99 ? 4   DG  A C4    1 
ATOM   81  P  P     . DA  A 1 5  ? -2.606  -5.167  -9.577  1.00 22.98 ? 5   DA  A P     1 
ATOM   82  O  OP1   . DA  A 1 5  ? -3.563  -6.048  -10.270 1.00 27.20 ? 5   DA  A OP1   1 
ATOM   83  O  OP2   . DA  A 1 5  ? -2.911  -3.716  -9.394  1.00 25.91 ? 5   DA  A OP2   1 
ATOM   84  O  "O5'" . DA  A 1 5  ? -2.285  -5.786  -8.154  1.00 21.20 ? 5   DA  A "O5'" 1 
ATOM   85  C  "C5'" . DA  A 1 5  ? -1.916  -7.163  -8.131  1.00 19.41 ? 5   DA  A "C5'" 1 
ATOM   86  C  "C4'" . DA  A 1 5  ? -1.724  -7.620  -6.708  1.00 18.54 ? 5   DA  A "C4'" 1 
ATOM   87  O  "O4'" . DA  A 1 5  ? -0.659  -6.883  -6.063  1.00 18.47 ? 5   DA  A "O4'" 1 
ATOM   88  C  "C3'" . DA  A 1 5  ? -2.986  -7.401  -5.868  1.00 17.54 ? 5   DA  A "C3'" 1 
ATOM   89  O  "O3'" . DA  A 1 5  ? -3.207  -8.619  -5.168  1.00 16.40 ? 5   DA  A "O3'" 1 
ATOM   90  C  "C2'" . DA  A 1 5  ? -2.660  -6.158  -5.057  1.00 16.85 ? 5   DA  A "C2'" 1 
ATOM   91  C  "C1'" . DA  A 1 5  ? -1.143  -6.245  -4.876  1.00 17.75 ? 5   DA  A "C1'" 1 
ATOM   92  N  N9    . DA  A 1 5  ? -0.426  -4.971  -4.749  1.00 16.90 ? 5   DA  A N9    1 
ATOM   93  C  C8    . DA  A 1 5  ? -0.494  -3.913  -5.611  1.00 16.60 ? 5   DA  A C8    1 
ATOM   94  N  N7    . DA  A 1 5  ? 0.292   -2.918  -5.284  1.00 16.66 ? 5   DA  A N7    1 
ATOM   95  C  C5    . DA  A 1 5  ? 0.937   -3.354  -4.138  1.00 15.58 ? 5   DA  A C5    1 
ATOM   96  C  C6    . DA  A 1 5  ? 1.929   -2.768  -3.313  1.00 16.16 ? 5   DA  A C6    1 
ATOM   97  N  N6    . DA  A 1 5  ? 2.445   -1.560  -3.494  1.00 16.26 ? 5   DA  A N6    1 
ATOM   98  N  N1    . DA  A 1 5  ? 2.328   -3.463  -2.244  1.00 16.03 ? 5   DA  A N1    1 
ATOM   99  C  C2    . DA  A 1 5  ? 1.805   -4.665  -2.025  1.00 15.94 ? 5   DA  A C2    1 
ATOM   100 N  N3    . DA  A 1 5  ? 0.917   -5.341  -2.745  1.00 16.46 ? 5   DA  A N3    1 
ATOM   101 C  C4    . DA  A 1 5  ? 0.522   -4.624  -3.807  1.00 16.16 ? 5   DA  A C4    1 
ATOM   102 P  P     . DA  A 1 6  ? -4.387  -8.786  -4.103  1.00 17.00 ? 6   DA  A P     1 
ATOM   103 O  OP1   . DA  A 1 6  ? -4.647  -10.217 -4.022  1.00 17.97 ? 6   DA  A OP1   1 
ATOM   104 O  OP2   . DA  A 1 6  ? -5.532  -7.928  -4.432  1.00 18.18 ? 6   DA  A OP2   1 
ATOM   105 O  "O5'" . DA  A 1 6  ? -3.798  -8.269  -2.721  1.00 16.26 ? 6   DA  A "O5'" 1 
ATOM   106 C  "C5'" . DA  A 1 6  ? -2.774  -8.972  -2.107  1.00 17.01 ? 6   DA  A "C5'" 1 
ATOM   107 C  "C4'" . DA  A 1 6  ? -2.440  -8.240  -0.834  1.00 15.01 ? 6   DA  A "C4'" 1 
ATOM   108 O  "O4'" . DA  A 1 6  ? -1.809  -6.987  -1.121  1.00 14.67 ? 6   DA  A "O4'" 1 
ATOM   109 C  "C3'" . DA  A 1 6  ? -3.650  -7.924  0.051   1.00 15.04 ? 6   DA  A "C3'" 1 
ATOM   110 O  "O3'" . DA  A 1 6  ? -3.455  -8.628  1.266   1.00 14.95 ? 6   DA  A "O3'" 1 
ATOM   111 C  "C2'" . DA  A 1 6  ? -3.669  -6.392  0.140   1.00 14.55 ? 6   DA  A "C2'" 1 
ATOM   112 C  "C1'" . DA  A 1 6  ? -2.231  -6.018  -0.175  1.00 13.85 ? 6   DA  A "C1'" 1 
ATOM   113 N  N9    . DA  A 1 6  ? -2.034  -4.711  -0.788  1.00 13.78 ? 6   DA  A N9    1 
ATOM   114 C  C8    . DA  A 1 6  ? -2.657  -4.245  -1.908  1.00 13.76 ? 6   DA  A C8    1 
ATOM   115 N  N7    . DA  A 1 6  ? -2.221  -3.067  -2.298  1.00 13.38 ? 6   DA  A N7    1 
ATOM   116 C  C5    . DA  A 1 6  ? -1.255  -2.741  -1.369  1.00 13.46 ? 6   DA  A C5    1 
ATOM   117 C  C6    . DA  A 1 6  ? -0.449  -1.590  -1.205  1.00 13.16 ? 6   DA  A C6    1 
ATOM   118 N  N6    . DA  A 1 6  ? -0.446  -0.564  -2.064  1.00 14.16 ? 6   DA  A N6    1 
ATOM   119 N  N1    . DA  A 1 6  ? 0.372   -1.546  -0.138  1.00 13.89 ? 6   DA  A N1    1 
ATOM   120 C  C2    . DA  A 1 6  ? 0.368   -2.580  0.703   1.00 13.42 ? 6   DA  A C2    1 
ATOM   121 N  N3    . DA  A 1 6  ? -0.304  -3.733  0.634   1.00 13.99 ? 6   DA  A N3    1 
ATOM   122 C  C4    . DA  A 1 6  ? -1.137  -3.729  -0.424  1.00 12.46 ? 6   DA  A C4    1 
ATOM   123 P  P     . DT  A 1 7  ? -4.486  -8.508  2.496   1.00 14.52 ? 7   DT  A P     1 
ATOM   124 O  OP1   . DT  A 1 7  ? -4.323  -9.736  3.256   1.00 16.58 ? 7   DT  A OP1   1 
ATOM   125 O  OP2   . DT  A 1 7  ? -5.837  -8.116  2.078   1.00 14.93 ? 7   DT  A OP2   1 
ATOM   126 O  "O5'" . DT  A 1 7  ? -3.894  -7.306  3.337   1.00 13.76 ? 7   DT  A "O5'" 1 
ATOM   127 C  "C5'" . DT  A 1 7  ? -2.539  -7.333  3.791   1.00 15.10 ? 7   DT  A "C5'" 1 
ATOM   128 C  "C4'" . DT  A 1 7  ? -2.173  -5.964  4.315   1.00 14.68 ? 7   DT  A "C4'" 1 
ATOM   129 O  "O4'" . DT  A 1 7  ? -2.163  -5.005  3.266   1.00 14.46 ? 7   DT  A "O4'" 1 
ATOM   130 C  "C3'" . DT  A 1 7  ? -3.140  -5.435  5.383   1.00 14.95 ? 7   DT  A "C3'" 1 
ATOM   131 O  "O3'" . DT  A 1 7  ? -2.442  -5.524  6.645   1.00 15.90 ? 7   DT  A "O3'" 1 
ATOM   132 C  "C2'" . DT  A 1 7  ? -3.486  -4.019  4.950   1.00 15.52 ? 7   DT  A "C2'" 1 
ATOM   133 C  "C1'" . DT  A 1 7  ? -2.462  -3.743  3.884   1.00 14.59 ? 7   DT  A "C1'" 1 
ATOM   134 N  N1    . DT  A 1 7  ? -2.822  -2.810  2.821   1.00 13.59 ? 7   DT  A N1    1 
ATOM   135 C  C2    . DT  A 1 7  ? -2.109  -1.626  2.710   1.00 13.41 ? 7   DT  A C2    1 
ATOM   136 O  O2    . DT  A 1 7  ? -1.264  -1.277  3.506   1.00 14.26 ? 7   DT  A O2    1 
ATOM   137 N  N3    . DT  A 1 7  ? -2.453  -0.848  1.648   1.00 12.92 ? 7   DT  A N3    1 
ATOM   138 C  C4    . DT  A 1 7  ? -3.424  -1.099  0.723   1.00 13.18 ? 7   DT  A C4    1 
ATOM   139 O  O4    . DT  A 1 7  ? -3.606  -0.316  -0.183  1.00 13.96 ? 7   DT  A O4    1 
ATOM   140 C  C5    . DT  A 1 7  ? -4.159  -2.333  0.907   1.00 13.08 ? 7   DT  A C5    1 
ATOM   141 C  C7    . DT  A 1 7  ? -5.263  -2.686  -0.028  1.00 14.36 ? 7   DT  A C7    1 
ATOM   142 C  C6    . DT  A 1 7  ? -3.843  -3.098  1.939   1.00 12.94 ? 7   DT  A C6    1 
HETATM 143 C  C2    . UWJ A 1 8  ? -2.943  1.502   5.033   1.00 13.36 ? 8   UWJ A C2    1 
HETATM 144 C  C6    . UWJ A 1 8  ? -4.158  -0.532  5.432   1.00 15.30 ? 8   UWJ A C6    1 
HETATM 145 O  OP2   . UWJ A 1 8  ? -4.533  -5.120  7.957   1.00 18.36 ? 8   UWJ A OP2   1 
HETATM 146 P  P     . UWJ A 1 8  ? -3.087  -5.058  8.023   1.00 16.68 ? 8   UWJ A P     1 
HETATM 147 O  OP1   . UWJ A 1 8  ? -2.360  -5.794  9.114   1.00 18.20 ? 8   UWJ A OP1   1 
HETATM 148 O  "O5'" . UWJ A 1 8  ? -2.695  -3.516  8.100   1.00 16.32 ? 8   UWJ A "O5'" 1 
HETATM 149 C  "C5'" . UWJ A 1 8  ? -1.323  -3.154  8.092   1.00 17.75 ? 8   UWJ A "C5'" 1 
HETATM 150 C  "C4'" . UWJ A 1 8  ? -1.162  -1.644  7.984   1.00 18.59 ? 8   UWJ A "C4'" 1 
HETATM 151 O  "O4'" . UWJ A 1 8  ? -1.800  -1.277  6.708   1.00 17.96 ? 8   UWJ A "O4'" 1 
HETATM 152 C  "C3'" . UWJ A 1 8  ? -1.882  -0.849  9.001   1.00 18.47 ? 8   UWJ A "C3'" 1 
HETATM 153 O  "O3'" . UWJ A 1 8  ? -0.869  -0.100  9.690   1.00 20.56 ? 8   UWJ A "O3'" 1 
HETATM 154 C  "C2'" . UWJ A 1 8  ? -2.834  0.115   8.274   1.00 18.74 ? 8   UWJ A "C2'" 1 
HETATM 155 SE SE2   . UWJ A 1 8  ? -4.691  -0.495  8.493   1.00 26.40 ? 8   UWJ A SE2   1 
HETATM 156 C  "CA'" . UWJ A 1 8  ? -5.360  0.429   10.028  1.00 25.52 ? 8   UWJ A "CA'" 1 
HETATM 157 C  "C1'" . UWJ A 1 8  ? -2.258  0.113   6.925   1.00 16.83 ? 8   UWJ A "C1'" 1 
HETATM 158 N  N1    . UWJ A 1 8  ? -3.164  0.404   5.789   1.00 15.07 ? 8   UWJ A N1    1 
HETATM 159 O  O2    . UWJ A 1 8  ? -2.043  2.343   5.338   1.00 14.51 ? 8   UWJ A O2    1 
HETATM 160 C  C5    . UWJ A 1 8  ? -4.977  -0.310  4.367   1.00 14.07 ? 8   UWJ A C5    1 
HETATM 161 C  C7    . UWJ A 1 8  ? -6.064  -1.230  4.035   1.00 14.88 ? 8   UWJ A C7    1 
HETATM 162 C  C4    . UWJ A 1 8  ? -4.729  0.818   3.556   1.00 12.64 ? 8   UWJ A C4    1 
HETATM 163 N  N3    . UWJ A 1 8  ? -3.685  1.686   3.970   1.00 12.62 ? 8   UWJ A N3    1 
HETATM 164 O  O4    . UWJ A 1 8  ? -5.325  1.059   2.542   1.00 13.27 ? 8   UWJ A O4    1 
ATOM   165 P  P     . DC  A 1 9  ? -1.189  1.015   10.896  1.00 23.16 ? 9   DC  A P     1 
ATOM   166 O  OP1   . DC  A 1 9  ? -0.082  0.966   11.860  1.00 25.53 ? 9   DC  A OP1   1 
ATOM   167 O  OP2   . DC  A 1 9  ? -2.609  0.953   11.371  1.00 24.00 ? 9   DC  A OP2   1 
ATOM   168 O  "O5'" . DC  A 1 9  ? -1.039  2.396   10.107  1.00 18.73 ? 9   DC  A "O5'" 1 
ATOM   169 C  "C5'" . DC  A 1 9  ? 0.124   2.760   9.358   1.00 17.79 ? 9   DC  A "C5'" 1 
ATOM   170 C  "C4'" . DC  A 1 9  ? -0.110  4.142   8.804   1.00 17.71 ? 9   DC  A "C4'" 1 
ATOM   171 O  "O4'" . DC  A 1 9  ? -1.157  4.090   7.810   1.00 17.28 ? 9   DC  A "O4'" 1 
ATOM   172 C  "C3'" . DC  A 1 9  ? -0.561  5.166   9.842   1.00 17.67 ? 9   DC  A "C3'" 1 
ATOM   173 O  "O3'" . DC  A 1 9  ? 0.377   6.246   9.676   1.00 19.06 ? 9   DC  A "O3'" 1 
ATOM   174 C  "C2'" . DC  A 1 9  ? -1.972  5.543   9.425   1.00 16.27 ? 9   DC  A "C2'" 1 
ATOM   175 C  "C1'" . DC  A 1 9  ? -2.022  5.214   7.957   1.00 16.10 ? 9   DC  A "C1'" 1 
ATOM   176 N  N1    . DC  A 1 9  ? -3.297  4.822   7.365   1.00 14.84 ? 9   DC  A N1    1 
ATOM   177 C  C2    . DC  A 1 9  ? -3.781  5.480   6.214   1.00 14.28 ? 9   DC  A C2    1 
ATOM   178 O  O2    . DC  A 1 9  ? -3.233  6.517   5.836   1.00 14.02 ? 9   DC  A O2    1 
ATOM   179 N  N3    . DC  A 1 9  ? -4.849  4.979   5.562   1.00 14.39 ? 9   DC  A N3    1 
ATOM   180 C  C4    . DC  A 1 9  ? -5.420  3.858   6.004   1.00 13.29 ? 9   DC  A C4    1 
ATOM   181 N  N4    . DC  A 1 9  ? -6.430  3.357   5.307   1.00 13.09 ? 9   DC  A N4    1 
ATOM   182 C  C5    . DC  A 1 9  ? -4.974  3.191   7.183   1.00 14.63 ? 9   DC  A C5    1 
ATOM   183 C  C6    . DC  A 1 9  ? -3.911  3.693   7.821   1.00 15.13 ? 9   DC  A C6    1 
ATOM   184 P  P     . DG  A 1 10 ? 0.620   7.394   10.763  1.00 20.48 ? 10  DG  A P     1 
ATOM   185 O  OP1   . DG  A 1 10 ? 1.999   7.939   10.572  1.00 23.55 ? 10  DG  A OP1   1 
ATOM   186 O  OP2   . DG  A 1 10 ? 0.156   6.920   12.044  1.00 22.99 ? 10  DG  A OP2   1 
ATOM   187 O  "O5'" . DG  A 1 10 ? -0.501  8.458   10.395  1.00 19.00 ? 10  DG  A "O5'" 1 
ATOM   188 C  "C5'" . DG  A 1 10 ? -0.381  9.270   9.252   1.00 19.68 ? 10  DG  A "C5'" 1 
ATOM   189 C  "C4'" . DG  A 1 10 ? -1.718  9.930   9.022   1.00 18.35 ? 10  DG  A "C4'" 1 
ATOM   190 O  "O4'" . DG  A 1 10 ? -2.682  8.933   8.619   1.00 16.86 ? 10  DG  A "O4'" 1 
ATOM   191 C  "C3'" . DG  A 1 10 ? -2.350  10.601  10.238  1.00 18.62 ? 10  DG  A "C3'" 1 
ATOM   192 O  "O3'" . DG  A 1 10 ? -2.867  11.832  9.718   1.00 17.79 ? 10  DG  A "O3'" 1 
ATOM   193 C  "C2'" . DG  A 1 10 ? -3.567  9.766   10.584  1.00 18.20 ? 10  DG  A "C2'" 1 
ATOM   194 C  "C1'" . DG  A 1 10 ? -3.920  9.270   9.178   1.00 16.32 ? 10  DG  A "C1'" 1 
ATOM   195 N  N9    . DG  A 1 10 ? -4.848  8.146   9.013   1.00 15.47 ? 10  DG  A N9    1 
ATOM   196 C  C8    . DG  A 1 10 ? -5.114  7.083   9.853   1.00 16.07 ? 10  DG  A C8    1 
ATOM   197 N  N7    . DG  A 1 10 ? -6.030  6.283   9.385   1.00 15.86 ? 10  DG  A N7    1 
ATOM   198 C  C5    . DG  A 1 10 ? -6.397  6.847   8.166   1.00 14.46 ? 10  DG  A C5    1 
ATOM   199 C  C6    . DG  A 1 10 ? -7.355  6.431   7.211   1.00 14.45 ? 10  DG  A C6    1 
ATOM   200 O  O6    . DG  A 1 10 ? -8.072  5.435   7.215   1.00 14.62 ? 10  DG  A O6    1 
ATOM   201 N  N1    . DG  A 1 10 ? -7.406  7.306   6.135   1.00 13.59 ? 10  DG  A N1    1 
ATOM   202 C  C2    . DG  A 1 10 ? -6.665  8.444   6.001   1.00 13.53 ? 10  DG  A C2    1 
ATOM   203 N  N2    . DG  A 1 10 ? -6.895  9.187   4.911   1.00 13.71 ? 10  DG  A N2    1 
ATOM   204 N  N3    . DG  A 1 10 ? -5.753  8.830   6.870   1.00 13.75 ? 10  DG  A N3    1 
ATOM   205 C  C4    . DG  A 1 10 ? -5.684  8.000   7.929   1.00 14.69 ? 10  DG  A C4    1 
ATOM   206 P  P     . DC  A 1 11 ? -2.134  13.236  9.980   1.00 20.95 ? 11  DC  A P     1 
ATOM   207 O  OP1   . DC  A 1 11 ? -0.684  13.023  9.997   1.00 22.75 ? 11  DC  A OP1   1 
ATOM   208 O  OP2   . DC  A 1 11 ? -2.785  13.838  11.127  1.00 25.80 ? 11  DC  A OP2   1 
ATOM   209 O  "O5'" . DC  A 1 11 ? -2.574  14.053  8.683   1.00 20.04 ? 11  DC  A "O5'" 1 
ATOM   210 C  "C5'" . DC  A 1 11 ? -2.067  13.689  7.431   1.00 19.90 ? 11  DC  A "C5'" 1 
ATOM   211 C  "C4'" . DC  A 1 11 ? -3.126  13.924  6.382   1.00 18.05 ? 11  DC  A "C4'" 1 
ATOM   212 O  "O4'" . DC  A 1 11 ? -4.180  12.948  6.530   1.00 17.11 ? 11  DC  A "O4'" 1 
ATOM   213 C  "C3'" . DC  A 1 11 ? -3.817  15.286  6.400   1.00 19.44 ? 11  DC  A "C3'" 1 
ATOM   214 O  "O3'" . DC  A 1 11 ? -3.925  15.634  5.028   1.00 20.57 ? 11  DC  A "O3'" 1 
ATOM   215 C  "C2'" . DC  A 1 11 ? -5.142  15.016  7.098   1.00 18.02 ? 11  DC  A "C2'" 1 
ATOM   216 C  "C1'" . DC  A 1 11 ? -5.458  13.603  6.606   1.00 16.73 ? 11  DC  A "C1'" 1 
ATOM   217 N  N1    . DC  A 1 11 ? -6.307  12.742  7.406   1.00 16.10 ? 11  DC  A N1    1 
ATOM   218 C  C2    . DC  A 1 11 ? -7.320  11.986  6.797   1.00 13.83 ? 11  DC  A C2    1 
ATOM   219 O  O2    . DC  A 1 11 ? -7.608  12.219  5.613   1.00 14.54 ? 11  DC  A O2    1 
ATOM   220 N  N3    . DC  A 1 11 ? -7.994  11.076  7.533   1.00 13.62 ? 11  DC  A N3    1 
ATOM   221 C  C4    . DC  A 1 11 ? -7.610  10.826  8.791   1.00 15.04 ? 11  DC  A C4    1 
ATOM   222 N  N4    . DC  A 1 11 ? -8.219  9.843   9.443   1.00 15.36 ? 11  DC  A N4    1 
ATOM   223 C  C5    . DC  A 1 11 ? -6.607  11.604  9.439   1.00 16.51 ? 11  DC  A C5    1 
ATOM   224 C  C6    . DC  A 1 11 ? -5.970  12.520  8.710   1.00 16.10 ? 11  DC  A C6    1 
ATOM   225 P  P     . DG  A 1 12 ? -4.221  17.114  4.511   1.00 25.70 ? 12  DG  A P     1 
ATOM   226 O  OP1   . DG  A 1 12 ? -3.692  17.216  3.168   1.00 28.72 ? 12  DG  A OP1   1 
ATOM   227 O  OP2   . DG  A 1 12 ? -3.897  18.040  5.587   1.00 30.83 ? 12  DG  A OP2   1 
ATOM   228 O  "O5'" . DG  A 1 12 ? -5.795  17.216  4.538   1.00 21.25 ? 12  DG  A "O5'" 1 
ATOM   229 C  "C5'" . DG  A 1 12 ? -6.545  16.689  3.452   1.00 18.23 ? 12  DG  A "C5'" 1 
ATOM   230 C  "C4'" . DG  A 1 12 ? -8.029  16.836  3.720   1.00 14.98 ? 12  DG  A "C4'" 1 
ATOM   231 O  "O4'" . DG  A 1 12 ? -8.373  15.931  4.758   1.00 18.54 ? 12  DG  A "O4'" 1 
ATOM   232 C  "C3'" . DG  A 1 12 ? -8.458  18.208  4.261   1.00 16.48 ? 12  DG  A "C3'" 1 
ATOM   233 O  "O3'" . DG  A 1 12 ? -9.072  18.979  3.223   1.00 16.07 ? 12  DG  A "O3'" 1 
ATOM   234 C  "C2'" . DG  A 1 12 ? -9.376  17.907  5.440   1.00 15.59 ? 12  DG  A "C2'" 1 
ATOM   235 C  "C1'" . DG  A 1 12 ? -9.569  16.415  5.367   1.00 15.62 ? 12  DG  A "C1'" 1 
ATOM   236 N  N9    . DG  A 1 12 ? -9.646  15.689  6.615   1.00 15.35 ? 12  DG  A N9    1 
ATOM   237 C  C8    . DG  A 1 12 ? -8.727  15.768  7.634   1.00 15.68 ? 12  DG  A C8    1 
ATOM   238 N  N7    . DG  A 1 12 ? -8.887  14.826  8.532   1.00 16.55 ? 12  DG  A N7    1 
ATOM   239 C  C5    . DG  A 1 12 ? -9.951  14.080  8.066   1.00 15.17 ? 12  DG  A C5    1 
ATOM   240 C  C6    . DG  A 1 12 ? -10.578 12.938  8.623   1.00 16.29 ? 12  DG  A C6    1 
ATOM   241 O  O6    . DG  A 1 12 ? -10.275 12.323  9.658   1.00 17.66 ? 12  DG  A O6    1 
ATOM   242 N  N1    . DG  A 1 12 ? -11.580 12.446  7.818   1.00 14.37 ? 12  DG  A N1    1 
ATOM   243 C  C2    . DG  A 1 12 ? -11.982 13.025  6.648   1.00 13.84 ? 12  DG  A C2    1 
ATOM   244 N  N2    . DG  A 1 12 ? -13.013 12.487  6.067   1.00 14.47 ? 12  DG  A N2    1 
ATOM   245 N  N3    . DG  A 1 12 ? -11.396 14.089  6.105   1.00 13.86 ? 12  DG  A N3    1 
ATOM   246 C  C4    . DG  A 1 12 ? -10.387 14.552  6.851   1.00 14.64 ? 12  DG  A C4    1 
ATOM   247 O  "O5'" . DC  B 1 1  ? -17.166 6.535   10.940  1.00 27.41 ? 13  DC  B "O5'" 1 
ATOM   248 C  "C5'" . DC  B 1 1  ? -18.338 7.121   10.379  1.00 22.08 ? 13  DC  B "C5'" 1 
ATOM   249 C  "C4'" . DC  B 1 1  ? -18.037 7.545   8.955   1.00 20.05 ? 13  DC  B "C4'" 1 
ATOM   250 O  "O4'" . DC  B 1 1  ? -16.986 8.534   8.926   1.00 18.78 ? 13  DC  B "O4'" 1 
ATOM   251 C  "C3'" . DC  B 1 1  ? -17.692 6.425   7.961   1.00 21.46 ? 13  DC  B "C3'" 1 
ATOM   252 O  "O3'" . DC  B 1 1  ? -18.475 6.608   6.787   1.00 22.88 ? 13  DC  B "O3'" 1 
ATOM   253 C  "C2'" . DC  B 1 1  ? -16.262 6.660   7.535   1.00 19.69 ? 13  DC  B "C2'" 1 
ATOM   254 C  "C1'" . DC  B 1 1  ? -15.994 8.163   7.946   1.00 18.78 ? 13  DC  B "C1'" 1 
ATOM   255 N  N1    . DC  B 1 1  ? -14.708 8.490   8.548   1.00 18.15 ? 13  DC  B N1    1 
ATOM   256 C  C2    . DC  B 1 1  ? -13.999 9.640   8.120   1.00 17.02 ? 13  DC  B C2    1 
ATOM   257 O  O2    . DC  B 1 1  ? -14.357 10.219  7.099   1.00 19.13 ? 13  DC  B O2    1 
ATOM   258 N  N3    . DC  B 1 1  ? -12.900 10.001  8.787   1.00 16.90 ? 13  DC  B N3    1 
ATOM   259 C  C4    . DC  B 1 1  ? -12.521 9.337   9.889   1.00 17.33 ? 13  DC  B C4    1 
ATOM   260 N  N4    . DC  B 1 1  ? -11.438 9.772   10.526  1.00 18.32 ? 13  DC  B N4    1 
ATOM   261 C  C5    . DC  B 1 1  ? -13.255 8.227   10.391  1.00 19.49 ? 13  DC  B C5    1 
ATOM   262 C  C6    . DC  B 1 1  ? -14.356 7.863   9.716   1.00 20.75 ? 13  DC  B C6    1 
ATOM   263 P  P     . DG  B 1 2  ? -18.501 5.504   5.602   1.00 23.59 ? 14  DG  B P     1 
ATOM   264 O  OP1   . DG  B 1 2  ? -19.840 5.516   4.960   1.00 26.90 ? 14  DG  B OP1   1 
ATOM   265 O  OP2   . DG  B 1 2  ? -17.995 4.232   6.157   1.00 28.50 ? 14  DG  B OP2   1 
ATOM   266 O  "O5'" . DG  B 1 2  ? -17.361 6.037   4.601   1.00 20.24 ? 14  DG  B "O5'" 1 
ATOM   267 C  "C5'" . DG  B 1 2  ? -17.649 7.266   4.021   1.00 19.49 ? 14  DG  B "C5'" 1 
ATOM   268 C  "C4'" . DG  B 1 2  ? -16.422 7.788   3.335   1.00 15.96 ? 14  DG  B "C4'" 1 
ATOM   269 O  "O4'" . DG  B 1 2  ? -15.432 8.126   4.313   1.00 16.43 ? 14  DG  B "O4'" 1 
ATOM   270 C  "C3'" . DG  B 1 2  ? -15.783 6.782   2.386   1.00 15.98 ? 14  DG  B "C3'" 1 
ATOM   271 O  "O3'" . DG  B 1 2  ? -15.951 7.303   1.074   1.00 16.46 ? 14  DG  B "O3'" 1 
ATOM   272 C  "C2'" . DG  B 1 2  ? -14.358 6.667   2.845   1.00 15.53 ? 14  DG  B "C2'" 1 
ATOM   273 C  "C1'" . DG  B 1 2  ? -14.169 7.883   3.730   1.00 15.53 ? 14  DG  B "C1'" 1 
ATOM   274 N  N9    . DG  B 1 2  ? -13.227 7.677   4.816   1.00 14.81 ? 14  DG  B N9    1 
ATOM   275 C  C8    . DG  B 1 2  ? -13.288 6.646   5.726   1.00 16.89 ? 14  DG  B C8    1 
ATOM   276 N  N7    . DG  B 1 2  ? -12.383 6.742   6.659   1.00 14.84 ? 14  DG  B N7    1 
ATOM   277 C  C5    . DG  B 1 2  ? -11.687 7.903   6.347   1.00 13.63 ? 14  DG  B C5    1 
ATOM   278 C  C6    . DG  B 1 2  ? -10.581 8.500   6.991   1.00 13.23 ? 14  DG  B C6    1 
ATOM   279 O  O6    . DG  B 1 2  ? -9.995  8.120   8.022   1.00 13.95 ? 14  DG  B O6    1 
ATOM   280 N  N1    . DG  B 1 2  ? -10.144 9.637   6.330   1.00 12.54 ? 14  DG  B N1    1 
ATOM   281 C  C2    . DG  B 1 2  ? -10.719 10.145  5.191   1.00 12.38 ? 14  DG  B C2    1 
ATOM   282 N  N2    . DG  B 1 2  ? -10.152 11.231  4.672   1.00 12.83 ? 14  DG  B N2    1 
ATOM   283 N  N3    . DG  B 1 2  ? -11.779 9.611   4.593   1.00 12.96 ? 14  DG  B N3    1 
ATOM   284 C  C4    . DG  B 1 2  ? -12.204 8.497   5.225   1.00 13.56 ? 14  DG  B C4    1 
ATOM   285 P  P     . DC  B 1 3  ? -15.376 6.541   -0.184  1.00 16.58 ? 15  DC  B P     1 
ATOM   286 O  OP1   . DC  B 1 3  ? -16.284 6.952   -1.304  1.00 18.10 ? 15  DC  B OP1   1 
ATOM   287 O  OP2   . DC  B 1 3  ? -15.198 5.094   0.090   1.00 17.99 ? 15  DC  B OP2   1 
ATOM   288 O  "O5'" . DC  B 1 3  ? -13.936 7.171   -0.402  1.00 15.77 ? 15  DC  B "O5'" 1 
ATOM   289 C  "C5'" . DC  B 1 3  ? -13.822 8.585   -0.642  1.00 15.62 ? 15  DC  B "C5'" 1 
ATOM   290 C  "C4'" . DC  B 1 3  ? -12.412 9.010   -0.306  1.00 14.42 ? 15  DC  B "C4'" 1 
ATOM   291 O  "O4'" . DC  B 1 3  ? -12.145 8.691   1.061   1.00 14.60 ? 15  DC  B "O4'" 1 
ATOM   292 C  "C3'" . DC  B 1 3  ? -11.315 8.284   -1.050  1.00 14.72 ? 15  DC  B "C3'" 1 
ATOM   293 O  "O3'" . DC  B 1 3  ? -11.192 8.875   -2.339  1.00 17.24 ? 15  DC  B "O3'" 1 
ATOM   294 C  "C2'" . DC  B 1 3  ? -10.126 8.585   -0.155  1.00 16.29 ? 15  DC  B "C2'" 1 
ATOM   295 C  "C1'" . DC  B 1 3  ? -10.734 8.642   1.229   1.00 14.28 ? 15  DC  B "C1'" 1 
ATOM   296 N  N1    . DC  B 1 3  ? -10.468 7.519   2.107   1.00 13.71 ? 15  DC  B N1    1 
ATOM   297 C  C2    . DC  B 1 3  ? -9.474  7.687   3.060   1.00 13.87 ? 15  DC  B C2    1 
ATOM   298 O  O2    . DC  B 1 3  ? -8.782  8.709   3.017   1.00 13.86 ? 15  DC  B O2    1 
ATOM   299 N  N3    . DC  B 1 3  ? -9.300  6.741   4.008   1.00 13.20 ? 15  DC  B N3    1 
ATOM   300 C  C4    . DC  B 1 3  ? -10.033 5.629   3.964   1.00 14.09 ? 15  DC  B C4    1 
ATOM   301 N  N4    . DC  B 1 3  ? -9.819  4.715   4.899   1.00 15.33 ? 15  DC  B N4    1 
ATOM   302 C  C5    . DC  B 1 3  ? -10.933 5.358   2.894   1.00 15.81 ? 15  DC  B C5    1 
ATOM   303 C  C6    . DC  B 1 3  ? -11.124 6.327   1.995   1.00 15.36 ? 15  DC  B C6    1 
ATOM   304 P  P     . DG  B 1 4  ? -10.204 8.253   -3.460  1.00 17.66 ? 16  DG  B P     1 
ATOM   305 O  OP1   . DG  B 1 4  ? -10.639 8.774   -4.800  1.00 20.85 ? 16  DG  B OP1   1 
ATOM   306 O  OP2   . DG  B 1 4  ? -10.107 6.802   -3.318  1.00 20.35 ? 16  DG  B OP2   1 
ATOM   307 O  "O5'" . DG  B 1 4  ? -8.765  8.794   -3.122  1.00 17.31 ? 16  DG  B "O5'" 1 
ATOM   308 C  "C5'" . DG  B 1 4  ? -8.462  10.183  -3.094  1.00 17.34 ? 16  DG  B "C5'" 1 
ATOM   309 C  "C4'" . DG  B 1 4  ? -7.049  10.398  -2.611  1.00 17.04 ? 16  DG  B "C4'" 1 
ATOM   310 O  "O4'" . DG  B 1 4  ? -6.918  9.846   -1.282  1.00 15.11 ? 16  DG  B "O4'" 1 
ATOM   311 C  "C3'" . DG  B 1 4  ? -5.950  9.720   -3.446  1.00 17.74 ? 16  DG  B "C3'" 1 
ATOM   312 O  "O3'" . DG  B 1 4  ? -4.843  10.607  -3.400  1.00 18.88 ? 16  DG  B "O3'" 1 
ATOM   313 C  "C2'" . DG  B 1 4  ? -5.733  8.399   -2.746  1.00 17.04 ? 16  DG  B "C2'" 1 
ATOM   314 C  "C1'" . DG  B 1 4  ? -5.995  8.752   -1.290  1.00 16.00 ? 16  DG  B "C1'" 1 
ATOM   315 N  N9    . DG  B 1 4  ? -6.522  7.654   -0.485  1.00 14.01 ? 16  DG  B N9    1 
ATOM   316 C  C8    . DG  B 1 4  ? -7.367  6.646   -0.880  1.00 14.85 ? 16  DG  B C8    1 
ATOM   317 N  N7    . DG  B 1 4  ? -7.560  5.753   0.050   1.00 14.74 ? 16  DG  B N7    1 
ATOM   318 C  C5    . DG  B 1 4  ? -6.813  6.202   1.125   1.00 12.97 ? 16  DG  B C5    1 
ATOM   319 C  C6    . DG  B 1 4  ? -6.575  5.600   2.379   1.00 12.74 ? 16  DG  B C6    1 
ATOM   320 O  O6    . DG  B 1 4  ? -7.063  4.560   2.849   1.00 13.59 ? 16  DG  B O6    1 
ATOM   321 N  N1    . DG  B 1 4  ? -5.688  6.342   3.132   1.00 12.50 ? 16  DG  B N1    1 
ATOM   322 C  C2    . DG  B 1 4  ? -5.093  7.506   2.727   1.00 12.94 ? 16  DG  B C2    1 
ATOM   323 N  N2    . DG  B 1 4  ? -4.241  8.049   3.579   1.00 14.09 ? 16  DG  B N2    1 
ATOM   324 N  N3    . DG  B 1 4  ? -5.338  8.100   1.578   1.00 13.16 ? 16  DG  B N3    1 
ATOM   325 C  C4    . DG  B 1 4  ? -6.162  7.372   0.812   1.00 12.78 ? 16  DG  B C4    1 
ATOM   326 P  P     . DA  B 1 5  ? -3.290  10.179  -3.625  1.00 19.65 ? 17  DA  B P     1 
ATOM   327 O  OP1   . DA  B 1 5  ? -2.621  11.403  -4.190  1.00 21.92 ? 17  DA  B OP1   1 
ATOM   328 O  OP2   . DA  B 1 5  ? -3.176  8.889   -4.361  1.00 21.80 ? 17  DA  B OP2   1 
ATOM   329 O  "O5'" . DA  B 1 5  ? -2.750  9.931   -2.153  1.00 18.61 ? 17  DA  B "O5'" 1 
ATOM   330 C  "C5'" . DA  B 1 5  ? -2.824  10.981  -1.233  1.00 17.96 ? 17  DA  B "C5'" 1 
ATOM   331 C  "C4'" . DA  B 1 5  ? -1.956  10.685  -0.037  1.00 16.61 ? 17  DA  B "C4'" 1 
ATOM   332 O  "O4'" . DA  B 1 5  ? -2.460  9.496   0.651   1.00 16.61 ? 17  DA  B "O4'" 1 
ATOM   333 C  "C3'" . DA  B 1 5  ? -0.475  10.391  -0.327  1.00 17.78 ? 17  DA  B "C3'" 1 
ATOM   334 O  "O3'" . DA  B 1 5  ? 0.219   10.937  0.795   1.00 19.33 ? 17  DA  B "O3'" 1 
ATOM   335 C  "C2'" . DA  B 1 5  ? -0.380  8.863   -0.331  1.00 16.13 ? 17  DA  B "C2'" 1 
ATOM   336 C  "C1'" . DA  B 1 5  ? -1.482  8.422   0.625   1.00 14.79 ? 17  DA  B "C1'" 1 
ATOM   337 N  N9    . DA  B 1 5  ? -2.207  7.191   0.324   1.00 14.33 ? 17  DA  B N9    1 
ATOM   338 C  C8    . DA  B 1 5  ? -2.925  6.931   -0.812  1.00 14.89 ? 17  DA  B C8    1 
ATOM   339 N  N7    . DA  B 1 5  ? -3.605  5.807   -0.758  1.00 14.17 ? 17  DA  B N7    1 
ATOM   340 C  C5    . DA  B 1 5  ? -3.315  5.307   0.505   1.00 13.51 ? 17  DA  B C5    1 
ATOM   341 C  C6    . DA  B 1 5  ? -3.765  4.163   1.192   1.00 12.90 ? 17  DA  B C6    1 
ATOM   342 N  N6    . DA  B 1 5  ? -4.618  3.268   0.670   1.00 13.49 ? 17  DA  B N6    1 
ATOM   343 N  N1    . DA  B 1 5  ? -3.277  3.946   2.424   1.00 13.15 ? 17  DA  B N1    1 
ATOM   344 C  C2    . DA  B 1 5  ? -2.432  4.861   2.953   1.00 12.91 ? 17  DA  B C2    1 
ATOM   345 N  N3    . DA  B 1 5  ? -1.964  5.983   2.408   1.00 13.43 ? 17  DA  B N3    1 
ATOM   346 C  C4    . DA  B 1 5  ? -2.472  6.157   1.189   1.00 12.98 ? 17  DA  B C4    1 
ATOM   347 P  P     . DA  B 1 6  ? 1.807   10.912  0.906   1.00 21.74 ? 18  DA  B P     1 
ATOM   348 O  OP1   . DA  B 1 6  ? 2.214   12.059  1.816   1.00 24.15 ? 18  DA  B OP1   1 
ATOM   349 O  OP2   . DA  B 1 6  ? 2.290   10.744  -0.456  1.00 26.52 ? 18  DA  B OP2   1 
ATOM   350 O  "O5'" . DA  B 1 6  ? 2.118   9.489   1.592   1.00 19.56 ? 18  DA  B "O5'" 1 
ATOM   351 C  "C5'" . DA  B 1 6  ? 1.928   9.290   2.956   1.00 19.73 ? 18  DA  B "C5'" 1 
ATOM   352 C  "C4'" . DA  B 1 6  ? 2.213   7.845   3.271   1.00 17.43 ? 18  DA  B "C4'" 1 
ATOM   353 O  "O4'" . DA  B 1 6  ? 1.254   6.963   2.630   1.00 17.25 ? 18  DA  B "O4'" 1 
ATOM   354 C  "C3'" . DA  B 1 6  ? 3.613   7.319   2.886   1.00 19.24 ? 18  DA  B "C3'" 1 
ATOM   355 O  "O3'" . DA  B 1 6  ? 4.316   7.156   4.120   1.00 21.02 ? 18  DA  B "O3'" 1 
ATOM   356 C  "C2'" . DA  B 1 6  ? 3.317   6.089   2.032   1.00 17.67 ? 18  DA  B "C2'" 1 
ATOM   357 C  "C1'" . DA  B 1 6  ? 1.905   5.711   2.468   1.00 16.15 ? 18  DA  B "C1'" 1 
ATOM   358 N  N9    . DA  B 1 6  ? 1.129   4.961   1.502   1.00 15.12 ? 18  DA  B N9    1 
ATOM   359 C  C8    . DA  B 1 6  ? 0.875   5.365   0.234   1.00 15.52 ? 18  DA  B C8    1 
ATOM   360 N  N7    . DA  B 1 6  ? 0.076   4.578   -0.427  1.00 15.16 ? 18  DA  B N7    1 
ATOM   361 C  C5    . DA  B 1 6  ? -0.209  3.563   0.476   1.00 13.65 ? 18  DA  B C5    1 
ATOM   362 C  C6    . DA  B 1 6  ? -1.019  2.414   0.385   1.00 13.96 ? 18  DA  B C6    1 
ATOM   363 N  N6    . DA  B 1 6  ? -1.715  2.088   -0.693  1.00 13.86 ? 18  DA  B N6    1 
ATOM   364 N  N1    . DA  B 1 6  ? -1.059  1.595   1.452   1.00 13.16 ? 18  DA  B N1    1 
ATOM   365 C  C2    . DA  B 1 6  ? -0.383  1.941   2.541   1.00 14.65 ? 18  DA  B C2    1 
ATOM   366 N  N3    . DA  B 1 6  ? 0.375   3.023   2.760   1.00 14.71 ? 18  DA  B N3    1 
ATOM   367 C  C4    . DA  B 1 6  ? 0.428   3.788   1.666   1.00 14.17 ? 18  DA  B C4    1 
ATOM   368 P  P     . DT  B 1 7  ? 5.767   6.431   4.208   1.00 23.38 ? 19  DT  B P     1 
ATOM   369 O  OP1   . DT  B 1 7  ? 6.496   6.979   5.373   1.00 26.93 ? 19  DT  B OP1   1 
ATOM   370 O  OP2   . DT  B 1 7  ? 6.312   6.482   2.897   1.00 23.96 ? 19  DT  B OP2   1 
ATOM   371 O  "O5'" . DT  B 1 7  ? 5.370   4.913   4.360   1.00 19.49 ? 19  DT  B "O5'" 1 
ATOM   372 C  "C5'" . DT  B 1 7  ? 4.600   4.543   5.476   1.00 19.14 ? 19  DT  B "C5'" 1 
ATOM   373 C  "C4'" . DT  B 1 7  ? 4.326   3.071   5.324   1.00 19.21 ? 19  DT  B "C4'" 1 
ATOM   374 O  "O4'" . DT  B 1 7  ? 3.508   2.851   4.154   1.00 18.08 ? 19  DT  B "O4'" 1 
ATOM   375 C  "C3'" . DT  B 1 7  ? 5.569   2.186   5.144   1.00 20.35 ? 19  DT  B "C3'" 1 
ATOM   376 O  "O3'" . DT  B 1 7  ? 5.578   1.368   6.304   1.00 22.83 ? 19  DT  B "O3'" 1 
ATOM   377 C  "C2'" . DT  B 1 7  ? 5.334   1.420   3.850   1.00 17.86 ? 19  DT  B "C2'" 1 
ATOM   378 C  "C1'" . DT  B 1 7  ? 3.838   1.545   3.651   1.00 16.98 ? 19  DT  B "C1'" 1 
ATOM   379 N  N1    . DT  B 1 7  ? 3.357   1.482   2.274   1.00 16.46 ? 19  DT  B N1    1 
ATOM   380 C  C2    . DT  B 1 7  ? 2.504   0.449   1.897   1.00 15.46 ? 19  DT  B C2    1 
ATOM   381 O  O2    . DT  B 1 7  ? 2.151   -0.431  2.654   1.00 16.62 ? 19  DT  B O2    1 
ATOM   382 N  N3    . DT  B 1 7  ? 2.062   0.523   0.614   1.00 15.21 ? 19  DT  B N3    1 
ATOM   383 C  C4    . DT  B 1 7  ? 2.401   1.464   -0.329  1.00 15.10 ? 19  DT  B C4    1 
ATOM   384 O  O4    . DT  B 1 7  ? 1.856   1.450   -1.409  1.00 15.28 ? 19  DT  B O4    1 
ATOM   385 C  C5    . DT  B 1 7  ? 3.352   2.467   0.106   1.00 16.24 ? 19  DT  B C5    1 
ATOM   386 C  C7    . DT  B 1 7  ? 3.757   3.536   -0.856  1.00 18.61 ? 19  DT  B C7    1 
ATOM   387 C  C6    . DT  B 1 7  ? 3.774   2.422   1.367   1.00 16.44 ? 19  DT  B C6    1 
HETATM 388 C  C2    . UWJ B 1 8  ? 3.906   -3.097  0.954   1.00 16.05 ? 20  UWJ B C2    1 
HETATM 389 C  C6    . UWJ B 1 8  ? 5.519   -1.552  1.816   1.00 17.77 ? 20  UWJ B C6    1 
HETATM 390 O  OP2   . UWJ B 1 8  ? 7.896   0.672   5.794   1.00 28.59 ? 20  UWJ B OP2   1 
HETATM 391 P  P     . UWJ B 1 8  ? 6.744   0.278   6.564   1.00 26.87 ? 20  UWJ B P     1 
HETATM 392 O  OP1   . UWJ B 1 8  ? 6.769   0.063   8.020   1.00 32.70 ? 20  UWJ B OP1   1 
HETATM 393 O  "O5'" . UWJ B 1 8  ? 6.052   -1.118  6.017   1.00 23.97 ? 20  UWJ B "O5'" 1 
HETATM 394 C  "C5'" . UWJ B 1 8  ? 4.790   -1.642  6.513   1.00 21.56 ? 20  UWJ B "C5'" 1 
HETATM 395 C  "C4'" . UWJ B 1 8  ? 4.270   -2.769  5.595   1.00 18.64 ? 20  UWJ B "C4'" 1 
HETATM 396 O  "O4'" . UWJ B 1 8  ? 4.285   -2.184  4.256   1.00 18.95 ? 20  UWJ B "O4'" 1 
HETATM 397 C  "C3'" . UWJ B 1 8  ? 5.164   -4.027  5.531   1.00 18.33 ? 20  UWJ B "C3'" 1 
HETATM 398 O  "O3'" . UWJ B 1 8  ? 4.327   -5.093  5.907   1.00 18.27 ? 20  UWJ B "O3'" 1 
HETATM 399 C  "C2'" . UWJ B 1 8  ? 5.633   -4.082  3.970   1.00 18.51 ? 20  UWJ B "C2'" 1 
HETATM 400 SE SE2   . UWJ B 1 8  ? 7.356   -3.497  3.590   1.00 25.82 ? 20  UWJ B SE2   1 
HETATM 401 C  "CA'" . UWJ B 1 8  ? 8.179   -4.985  4.582   1.00 27.21 ? 20  UWJ B "CA'" 1 
HETATM 402 C  "C1'" . UWJ B 1 8  ? 4.536   -3.291  3.313   1.00 18.81 ? 20  UWJ B "C1'" 1 
HETATM 403 N  N1    . UWJ B 1 8  ? 4.720   -2.648  1.992   1.00 17.04 ? 20  UWJ B N1    1 
HETATM 404 O  O2    . UWJ B 1 8  ? 3.210   -4.112  1.063   1.00 16.81 ? 20  UWJ B O2    1 
HETATM 405 C  C5    . UWJ B 1 8  ? 5.596   -0.910  0.640   1.00 16.12 ? 20  UWJ B C5    1 
HETATM 406 C  C7    . UWJ B 1 8  ? 6.457   0.245   0.431   1.00 18.51 ? 20  UWJ B C7    1 
HETATM 407 C  C4    . UWJ B 1 8  ? 4.741   -1.307  -0.405  1.00 16.18 ? 20  UWJ B C4    1 
HETATM 408 N  N3    . UWJ B 1 8  ? 3.948   -2.426  -0.211  1.00 15.76 ? 20  UWJ B N3    1 
HETATM 409 O  O4    . UWJ B 1 8  ? 4.611   -0.739  -1.487  1.00 16.42 ? 20  UWJ B O4    1 
ATOM   410 P  P     . DC  B 1 9  ? 4.938   -6.555  6.256   1.00 19.42 ? 21  DC  B P     1 
ATOM   411 O  OP1   . DC  B 1 9  ? 3.913   -7.181  7.093   1.00 20.24 ? 21  DC  B OP1   1 
ATOM   412 O  OP2   . DC  B 1 9  ? 6.372   -6.475  6.675   1.00 22.18 ? 21  DC  B OP2   1 
ATOM   413 O  "O5'" . DC  B 1 9  ? 5.012   -7.246  4.821   1.00 18.40 ? 21  DC  B "O5'" 1 
ATOM   414 C  "C5'" . DC  B 1 9  ? 3.798   -7.609  4.181   1.00 19.06 ? 21  DC  B "C5'" 1 
ATOM   415 C  "C4'" . DC  B 1 9  ? 4.058   -8.047  2.760   1.00 19.98 ? 21  DC  B "C4'" 1 
ATOM   416 O  "O4'" . DC  B 1 9  ? 4.331   -6.939  1.899   1.00 18.54 ? 21  DC  B "O4'" 1 
ATOM   417 C  "C3'" . DC  B 1 9  ? 5.204   -9.035  2.543   1.00 18.06 ? 21  DC  B "C3'" 1 
ATOM   418 O  "O3'" . DC  B 1 9  ? 4.596   -10.306 2.511   1.00 20.20 ? 21  DC  B "O3'" 1 
ATOM   419 C  "C2'" . DC  B 1 9  ? 5.785   -8.618  1.182   1.00 17.83 ? 21  DC  B "C2'" 1 
ATOM   420 C  "C1'" . DC  B 1 9  ? 4.859   -7.532  0.698   1.00 17.69 ? 21  DC  B "C1'" 1 
ATOM   421 N  N1    . DC  B 1 9  ? 5.459   -6.468  -0.092  1.00 17.20 ? 21  DC  B N1    1 
ATOM   422 C  C2    . DC  B 1 9  ? 5.040   -6.282  -1.409  1.00 16.62 ? 21  DC  B C2    1 
ATOM   423 O  O2    . DC  B 1 9  ? 4.255   -7.119  -1.920  1.00 17.61 ? 21  DC  B O2    1 
ATOM   424 N  N3    . DC  B 1 9  ? 5.494   -5.222  -2.099  1.00 16.92 ? 21  DC  B N3    1 
ATOM   425 C  C4    . DC  B 1 9  ? 6.355   -4.385  -1.536  1.00 16.62 ? 21  DC  B C4    1 
ATOM   426 N  N4    . DC  B 1 9  ? 6.714   -3.319  -2.228  1.00 16.45 ? 21  DC  B N4    1 
ATOM   427 C  C5    . DC  B 1 9  ? 6.849   -4.584  -0.212  1.00 17.81 ? 21  DC  B C5    1 
ATOM   428 C  C6    . DC  B 1 9  ? 6.354   -5.608  0.480   1.00 18.17 ? 21  DC  B C6    1 
ATOM   429 P  P     . DG  B 1 10 ? 5.469   -11.653 2.461   1.00 20.12 ? 22  DG  B P     1 
ATOM   430 O  OP1   . DG  B 1 10 ? 4.580   -12.748 2.920   1.00 23.72 ? 22  DG  B OP1   1 
ATOM   431 O  OP2   . DG  B 1 10 ? 6.750   -11.481 3.068   1.00 22.80 ? 22  DG  B OP2   1 
ATOM   432 O  "O5'" . DG  B 1 10 ? 5.831   -11.860 0.923   1.00 17.99 ? 22  DG  B "O5'" 1 
ATOM   433 C  "C5'" . DG  B 1 10 ? 4.792   -12.134 0.012   1.00 17.52 ? 22  DG  B "C5'" 1 
ATOM   434 C  "C4'" . DG  B 1 10 ? 5.335   -12.112 -1.402  1.00 16.60 ? 22  DG  B "C4'" 1 
ATOM   435 O  "O4'" . DG  B 1 10 ? 5.635   -10.752 -1.780  1.00 16.94 ? 22  DG  B "O4'" 1 
ATOM   436 C  "C3'" . DG  B 1 10 ? 6.621   -12.923 -1.596  1.00 16.56 ? 22  DG  B "C3'" 1 
ATOM   437 O  "O3'" . DG  B 1 10 ? 6.504   -13.629 -2.864  1.00 16.80 ? 22  DG  B "O3'" 1 
ATOM   438 C  "C2'" . DG  B 1 10 ? 7.670   -11.848 -1.682  1.00 16.59 ? 22  DG  B "C2'" 1 
ATOM   439 C  "C1'" . DG  B 1 10 ? 6.890   -10.790 -2.435  1.00 16.52 ? 22  DG  B "C1'" 1 
ATOM   440 N  N9    . DG  B 1 10 ? 7.453   -9.464  -2.414  1.00 15.32 ? 22  DG  B N9    1 
ATOM   441 C  C8    . DG  B 1 10 ? 8.282   -8.896  -1.472  1.00 16.10 ? 22  DG  B C8    1 
ATOM   442 N  N7    . DG  B 1 10 ? 8.641   -7.689  -1.785  1.00 15.63 ? 22  DG  B N7    1 
ATOM   443 C  C5    . DG  B 1 10 ? 8.061   -7.469  -3.029  1.00 15.20 ? 22  DG  B C5    1 
ATOM   444 C  C6    . DG  B 1 10 ? 8.112   -6.347  -3.866  1.00 14.44 ? 22  DG  B C6    1 
ATOM   445 O  O6    . DG  B 1 10 ? 8.664   -5.278  -3.679  1.00 15.46 ? 22  DG  B O6    1 
ATOM   446 N  N1    . DG  B 1 10 ? 7.405   -6.549  -5.045  1.00 14.41 ? 22  DG  B N1    1 
ATOM   447 C  C2    . DG  B 1 10 ? 6.720   -7.690  -5.356  1.00 14.01 ? 22  DG  B C2    1 
ATOM   448 N  N2    . DG  B 1 10 ? 6.083   -7.707  -6.512  1.00 14.22 ? 22  DG  B N2    1 
ATOM   449 N  N3    . DG  B 1 10 ? 6.635   -8.731  -4.560  1.00 14.34 ? 22  DG  B N3    1 
ATOM   450 C  C4    . DG  B 1 10 ? 7.337   -8.557  -3.427  1.00 13.85 ? 22  DG  B C4    1 
ATOM   451 P  P     . DC  B 1 11 ? 7.252   -15.007 -3.100  1.00 15.89 ? 23  DC  B P     1 
ATOM   452 O  OP1   . DC  B 1 11 ? 6.442   -16.070 -2.465  1.00 18.69 ? 23  DC  B OP1   1 
ATOM   453 O  OP2   . DC  B 1 11 ? 8.666   -14.902 -2.778  1.00 18.85 ? 23  DC  B OP2   1 
ATOM   454 O  "O5'" . DC  B 1 11 ? 7.156   -15.075 -4.680  1.00 14.42 ? 23  DC  B "O5'" 1 
ATOM   455 C  "C5'" . DC  B 1 11 ? 5.917   -15.133 -5.304  1.00 14.99 ? 23  DC  B "C5'" 1 
ATOM   456 C  "C4'" . DC  B 1 11 ? 5.859   -14.213 -6.505  1.00 14.76 ? 23  DC  B "C4'" 1 
ATOM   457 O  "O4'" . DC  B 1 11 ? 5.996   -12.842 -6.074  1.00 14.45 ? 23  DC  B "O4'" 1 
ATOM   458 C  "C3'" . DC  B 1 11 ? 6.950   -14.372 -7.554  1.00 14.02 ? 23  DC  B "C3'" 1 
ATOM   459 O  "O3'" . DC  B 1 11 ? 6.614   -15.448 -8.422  1.00 15.43 ? 23  DC  B "O3'" 1 
ATOM   460 C  "C2'" . DC  B 1 11 ? 6.903   -13.024 -8.262  1.00 14.54 ? 23  DC  B "C2'" 1 
ATOM   461 C  "C1'" . DC  B 1 11 ? 6.670   -12.084 -7.095  1.00 13.46 ? 23  DC  B "C1'" 1 
ATOM   462 N  N1    . DC  B 1 11 ? 7.877   -11.492 -6.521  1.00 13.49 ? 23  DC  B N1    1 
ATOM   463 C  C2    . DC  B 1 11 ? 8.356   -10.313 -7.082  1.00 12.07 ? 23  DC  B C2    1 
ATOM   464 O  O2    . DC  B 1 11 ? 7.881   -9.939  -8.165  1.00 13.36 ? 23  DC  B O2    1 
ATOM   465 N  N3    . DC  B 1 11 ? 9.302   -9.614  -6.435  1.00 12.71 ? 23  DC  B N3    1 
ATOM   466 C  C4    . DC  B 1 11 ? 9.838   -10.102 -5.320  1.00 13.02 ? 23  DC  B C4    1 
ATOM   467 N  N4    . DC  B 1 11 ? 10.734  -9.363  -4.661  1.00 12.87 ? 23  DC  B N4    1 
ATOM   468 C  C5    . DC  B 1 11 ? 9.472   -11.368 -4.805  1.00 13.57 ? 23  DC  B C5    1 
ATOM   469 C  C6    . DC  B 1 11 ? 8.493   -12.021 -5.422  1.00 13.08 ? 23  DC  B C6    1 
ATOM   470 P  P     . DG  B 1 12 ? 7.731   -16.176 -9.308  1.00 15.29 ? 24  DG  B P     1 
ATOM   471 O  OP1   . DG  B 1 12 ? 7.087   -17.369 -9.916  1.00 16.38 ? 24  DG  B OP1   1 
ATOM   472 O  OP2   . DG  B 1 12 ? 8.939   -16.366 -8.520  1.00 16.81 ? 24  DG  B OP2   1 
ATOM   473 O  "O5'" . DG  B 1 12 ? 8.087   -15.131 -10.456 1.00 13.77 ? 24  DG  B "O5'" 1 
ATOM   474 C  "C5'" . DG  B 1 12 ? 7.171   -14.763 -11.458 1.00 13.96 ? 24  DG  B "C5'" 1 
ATOM   475 C  "C4'" . DG  B 1 12 ? 7.723   -13.601 -12.264 1.00 13.35 ? 24  DG  B "C4'" 1 
ATOM   476 O  "O4'" . DG  B 1 12 ? 7.873   -12.460 -11.397 1.00 12.95 ? 24  DG  B "O4'" 1 
ATOM   477 C  "C3'" . DG  B 1 12 ? 9.111   -13.804 -12.868 1.00 13.94 ? 24  DG  B "C3'" 1 
ATOM   478 O  "O3'" . DG  B 1 12 ? 8.978   -14.509 -14.107 1.00 14.61 ? 24  DG  B "O3'" 1 
ATOM   479 C  "C2'" . DG  B 1 12 ? 9.604   -12.380 -13.012 1.00 14.21 ? 24  DG  B "C2'" 1 
ATOM   480 C  "C1'" . DG  B 1 12 ? 9.061   -11.725 -11.776 1.00 13.71 ? 24  DG  B "C1'" 1 
ATOM   481 N  N9    . DG  B 1 12 ? 9.970   -11.752 -10.625 1.00 12.74 ? 24  DG  B N9    1 
ATOM   482 C  C8    . DG  B 1 12 ? 10.110  -12.757 -9.677  1.00 13.05 ? 24  DG  B C8    1 
ATOM   483 N  N7    . DG  B 1 12 ? 10.896  -12.424 -8.685  1.00 13.44 ? 24  DG  B N7    1 
ATOM   484 C  C5    . DG  B 1 12 ? 11.293  -11.127 -8.985  1.00 11.97 ? 24  DG  B C5    1 
ATOM   485 C  C6    . DG  B 1 12 ? 12.130  -10.236 -8.269  1.00 13.48 ? 24  DG  B C6    1 
ATOM   486 O  O6    . DG  B 1 12 ? 12.686  -10.400 -7.166  1.00 13.89 ? 24  DG  B O6    1 
ATOM   487 N  N1    . DG  B 1 12 ? 12.295  -9.033  -8.934  1.00 12.15 ? 24  DG  B N1    1 
ATOM   488 C  C2    . DG  B 1 12 ? 11.771  -8.745  -10.161 1.00 11.79 ? 24  DG  B C2    1 
ATOM   489 N  N2    . DG  B 1 12 ? 12.085  -7.559  -10.670 1.00 12.93 ? 24  DG  B N2    1 
ATOM   490 N  N3    . DG  B 1 12 ? 10.962  -9.554  -10.832 1.00 11.86 ? 24  DG  B N3    1 
ATOM   491 C  C4    . DG  B 1 12 ? 10.750  -10.705 -10.185 1.00 12.43 ? 24  DG  B C4    1 
HETATM 492 MG MG    . MG  C 2 .  ? -7.892  -10.125 -1.322  1.00 15.08 ? 101 MG  A MG    1 
HETATM 493 O  O     . HOH D 3 .  ? -0.357  -7.211  8.348   1.00 34.18 ? 201 HOH A O     1 
HETATM 494 O  O     . HOH D 3 .  ? -2.726  -2.165  -7.333  1.00 36.85 ? 202 HOH A O     1 
HETATM 495 O  O     . HOH D 3 .  ? 7.695   0.999   -9.220  1.00 36.48 ? 203 HOH A O     1 
HETATM 496 O  O     . HOH D 3 .  ? 11.407  1.079   -14.853 1.00 30.46 ? 204 HOH A O     1 
HETATM 497 O  O     . HOH D 3 .  ? 12.309  -5.779  -3.348  1.00 14.39 ? 205 HOH A O     1 
HETATM 498 O  O     . HOH D 3 .  ? 1.286   12.673  8.196   1.00 30.83 ? 206 HOH A O     1 
HETATM 499 O  O     . HOH D 3 .  ? -0.860  7.216   4.766   1.00 16.18 ? 207 HOH A O     1 
HETATM 500 O  O     . HOH D 3 .  ? -2.578  -11.852 -4.619  1.00 33.33 ? 208 HOH A O     1 
HETATM 501 O  O     . HOH D 3 .  ? -7.562  0.383   1.171   1.00 27.51 ? 209 HOH A O     1 
HETATM 502 O  O     . HOH D 3 .  ? -5.452  0.203   -2.124  1.00 23.06 ? 210 HOH A O     1 
HETATM 503 O  O     . HOH D 3 .  ? 1.936   -7.964  -7.460  1.00 19.77 ? 211 HOH A O     1 
HETATM 504 O  O     . HOH D 3 .  ? 6.005   -0.215  -5.280  1.00 27.64 ? 212 HOH A O     1 
HETATM 505 O  O     . HOH D 3 .  ? -3.716  10.368  5.711   1.00 17.50 ? 213 HOH A O     1 
HETATM 506 O  O     . HOH D 3 .  ? -3.452  -2.024  -4.525  1.00 28.32 ? 214 HOH A O     1 
HETATM 507 O  O     . HOH D 3 .  ? -6.043  -10.868 -1.741  1.00 16.91 ? 215 HOH A O     1 
HETATM 508 O  O     . HOH D 3 .  ? -6.481  3.884   10.659  1.00 21.14 ? 216 HOH A O     1 
HETATM 509 O  O     . HOH D 3 .  ? 1.124   -7.815  -1.554  1.00 26.47 ? 217 HOH A O     1 
HETATM 510 O  O     . HOH D 3 .  ? -6.390  -3.492  6.722   1.00 23.73 ? 218 HOH A O     1 
HETATM 511 O  O     . HOH D 3 .  ? 0.159   -0.461  -6.539  1.00 29.89 ? 219 HOH A O     1 
HETATM 512 O  O     . HOH D 3 .  ? -7.112  -8.490  -0.345  1.00 15.71 ? 220 HOH A O     1 
HETATM 513 O  O     . HOH D 3 .  ? -5.861  -11.768 2.151   1.00 16.66 ? 221 HOH A O     1 
HETATM 514 O  O     . HOH D 3 .  ? 12.607  -2.905  -4.270  1.00 15.68 ? 222 HOH A O     1 
HETATM 515 O  O     . HOH D 3 .  ? -6.674  -7.345  -6.900  1.00 29.83 ? 223 HOH A O     1 
HETATM 516 O  O     . HOH D 3 .  ? 12.855  0.123   -7.200  1.00 20.31 ? 224 HOH A O     1 
HETATM 517 O  O     . HOH D 3 .  ? 19.713  -6.022  -5.971  1.00 19.48 ? 225 HOH A O     1 
HETATM 518 O  O     . HOH D 3 .  ? -6.923  19.966  1.724   1.00 25.97 ? 226 HOH A O     1 
HETATM 519 O  O     . HOH D 3 .  ? -6.377  -5.369  2.262   1.00 17.52 ? 227 HOH A O     1 
HETATM 520 O  O     . HOH D 3 .  ? 7.547   1.862   -16.129 1.00 24.39 ? 228 HOH A O     1 
HETATM 521 O  O     . HOH D 3 .  ? -7.273  15.261  10.806  1.00 26.97 ? 229 HOH A O     1 
HETATM 522 O  O     . HOH D 3 .  ? -5.618  -2.994  -9.754  1.00 33.48 ? 230 HOH A O     1 
HETATM 523 O  O     . HOH D 3 .  ? -8.387  2.928   8.487   1.00 28.88 ? 231 HOH A O     1 
HETATM 524 O  O     . HOH D 3 .  ? -2.012  -11.321 2.778   1.00 21.63 ? 232 HOH A O     1 
HETATM 525 O  O     . HOH D 3 .  ? 0.829   12.036  12.205  1.00 39.96 ? 233 HOH A O     1 
HETATM 526 O  O     . HOH D 3 .  ? 8.459   -1.129  -16.333 1.00 44.63 ? 234 HOH A O     1 
HETATM 527 O  O     . HOH D 3 .  ? -7.826  -8.960  -3.041  1.00 16.30 ? 235 HOH A O     1 
HETATM 528 O  O     . HOH D 3 .  ? -5.933  -12.214 -5.651  1.00 30.43 ? 236 HOH A O     1 
HETATM 529 O  O     . HOH D 3 .  ? -4.166  3.371   11.627  1.00 32.24 ? 237 HOH A O     1 
HETATM 530 O  O     . HOH D 3 .  ? 10.280  -0.960  -4.435  1.00 27.53 ? 238 HOH A O     1 
HETATM 531 O  O     . HOH D 3 .  ? -5.510  13.759  12.141  1.00 33.78 ? 239 HOH A O     1 
HETATM 532 O  O     . HOH D 3 .  ? 18.268  0.910   -6.700  1.00 28.58 ? 240 HOH A O     1 
HETATM 533 O  O     . HOH D 3 .  ? -5.676  -5.456  -2.826  1.00 21.28 ? 241 HOH A O     1 
HETATM 534 O  O     . HOH D 3 .  ? -7.927  1.047   6.454   1.00 19.33 ? 242 HOH A O     1 
HETATM 535 O  O     . HOH D 3 .  ? -1.792  0.476   -4.550  1.00 26.39 ? 243 HOH A O     1 
HETATM 536 O  O     . HOH D 3 .  ? -7.009  9.401   12.172  1.00 21.64 ? 244 HOH A O     1 
HETATM 537 O  O     . HOH D 3 .  ? 13.703  -8.019  -2.566  1.00 22.30 ? 245 HOH A O     1 
HETATM 538 O  O     . HOH D 3 .  ? 8.882   -0.084  -4.829  1.00 31.75 ? 246 HOH A O     1 
HETATM 539 O  O     . HOH D 3 .  ? 2.857   7.321   7.685   1.00 27.65 ? 247 HOH A O     1 
HETATM 540 O  O     . HOH D 3 .  ? 1.651   -9.422  -5.067  1.00 29.88 ? 248 HOH A O     1 
HETATM 541 O  O     . HOH D 3 .  ? 2.471   0.610   -5.692  1.00 29.61 ? 249 HOH A O     1 
HETATM 542 O  O     . HOH D 3 .  ? 17.217  -8.541  -6.100  1.00 25.57 ? 250 HOH A O     1 
HETATM 543 O  O     . HOH D 3 .  ? 0.462   -7.897  1.342   1.00 21.87 ? 251 HOH A O     1 
HETATM 544 O  O     . HOH D 3 .  ? 1.289   5.831   5.996   1.00 18.71 ? 252 HOH A O     1 
HETATM 545 O  O     . HOH D 3 .  ? 0.937   -4.367  4.942   1.00 19.60 ? 253 HOH A O     1 
HETATM 546 O  O     . HOH D 3 .  ? -6.615  18.441  7.900   1.00 26.96 ? 254 HOH A O     1 
HETATM 547 O  O     . HOH D 3 .  ? 0.591   -8.664  -9.905  1.00 22.83 ? 255 HOH A O     1 
HETATM 548 O  O     . HOH D 3 .  ? -1.846  -11.790 -0.142  1.00 28.94 ? 256 HOH A O     1 
HETATM 549 O  O     . HOH D 3 .  ? 6.322   4.073   -11.697 1.00 44.09 ? 257 HOH A O     1 
HETATM 550 O  O     . HOH D 3 .  ? -7.535  -5.849  -0.811  1.00 22.02 ? 258 HOH A O     1 
HETATM 551 O  O     . HOH D 3 .  ? -8.210  -10.011 -6.836  1.00 27.82 ? 259 HOH A O     1 
HETATM 552 O  O     . HOH D 3 .  ? -4.557  -12.502 -0.229  1.00 22.41 ? 260 HOH A O     1 
HETATM 553 O  O     . HOH D 3 .  ? 17.780  -7.544  -3.374  1.00 25.80 ? 261 HOH A O     1 
HETATM 554 O  O     . HOH D 3 .  ? -1.960  -13.566 4.427   1.00 36.09 ? 262 HOH A O     1 
HETATM 555 O  O     . HOH D 3 .  ? -7.441  -1.359  -2.600  1.00 35.08 ? 263 HOH A O     1 
HETATM 556 O  O     . HOH D 3 .  ? 10.446  1.202   -6.698  1.00 32.94 ? 264 HOH A O     1 
HETATM 557 O  O     . HOH D 3 .  ? -8.794  -1.733  0.437   1.00 32.93 ? 265 HOH A O     1 
HETATM 558 O  O     . HOH D 3 .  ? -2.454  -14.644 -3.543  1.00 38.38 ? 266 HOH A O     1 
HETATM 559 O  O     . HOH E 3 .  ? -0.440  12.276  -3.979  1.00 32.21 ? 101 HOH B O     1 
HETATM 560 O  O     . HOH E 3 .  ? 7.540   -5.078  8.418   1.00 35.82 ? 102 HOH B O     1 
HETATM 561 O  O     . HOH E 3 .  ? -17.789 9.036   -1.048  1.00 18.66 ? 103 HOH B O     1 
HETATM 562 O  O     . HOH E 3 .  ? -1.020  7.488   -4.049  1.00 30.09 ? 104 HOH B O     1 
HETATM 563 O  O     . HOH E 3 .  ? -21.508 6.961   6.329   1.00 31.27 ? 105 HOH B O     1 
HETATM 564 O  O     . HOH E 3 .  ? 5.336   -18.222 -3.481  1.00 29.89 ? 106 HOH B O     1 
HETATM 565 O  O     . HOH E 3 .  ? 10.189  -18.681 -8.362  1.00 27.41 ? 107 HOH B O     1 
HETATM 566 O  O     . HOH E 3 .  ? 5.992   0.995   -2.985  1.00 29.46 ? 108 HOH B O     1 
HETATM 567 O  O     . HOH E 3 .  ? 1.831   2.838   -3.725  1.00 25.85 ? 109 HOH B O     1 
HETATM 568 O  O     . HOH E 3 .  ? 10.872  -14.670 -4.331  1.00 21.58 ? 110 HOH B O     1 
HETATM 569 O  O     . HOH E 3 .  ? 8.241   -8.232  5.762   1.00 26.30 ? 111 HOH B O     1 
HETATM 570 O  O     . HOH E 3 .  ? 10.551  -3.874  -2.282  1.00 16.15 ? 112 HOH B O     1 
HETATM 571 O  O     . HOH E 3 .  ? 9.893   -14.483 -0.368  1.00 26.87 ? 113 HOH B O     1 
HETATM 572 O  O     . HOH E 3 .  ? 1.361   -6.232  6.768   1.00 29.28 ? 114 HOH B O     1 
HETATM 573 O  O     . HOH E 3 .  ? 1.082   -1.501  4.974   1.00 18.99 ? 115 HOH B O     1 
HETATM 574 O  O     . HOH E 3 .  ? -0.224  5.073   -3.141  1.00 25.65 ? 116 HOH B O     1 
HETATM 575 O  O     . HOH E 3 .  ? -8.380  3.145   0.545   1.00 34.95 ? 117 HOH B O     1 
HETATM 576 O  O     . HOH E 3 .  ? 1.115   -5.438  2.331   1.00 17.70 ? 118 HOH B O     1 
HETATM 577 O  O     . HOH E 3 .  ? -4.428  4.575   -3.123  1.00 25.52 ? 119 HOH B O     1 
HETATM 578 O  O     . HOH E 3 .  ? -11.248 4.613   -2.013  1.00 39.38 ? 120 HOH B O     1 
HETATM 579 O  O     . HOH E 3 .  ? -12.626 4.053   -0.238  1.00 29.22 ? 121 HOH B O     1 
HETATM 580 O  O     . HOH E 3 .  ? 10.587  -6.641  -0.073  1.00 21.32 ? 122 HOH B O     1 
HETATM 581 O  O     . HOH E 3 .  ? -12.135 4.677   8.531   1.00 27.78 ? 123 HOH B O     1 
HETATM 582 O  O     . HOH E 3 .  ? 8.809   -10.286 1.578   1.00 28.62 ? 124 HOH B O     1 
HETATM 583 O  O     . HOH E 3 .  ? -8.827  2.502   2.094   1.00 23.14 ? 125 HOH B O     1 
HETATM 584 O  O     . HOH E 3 .  ? 12.929  -12.609 -5.431  1.00 28.34 ? 126 HOH B O     1 
HETATM 585 O  O     . HOH E 3 .  ? 10.749  -14.727 -7.058  1.00 18.16 ? 127 HOH B O     1 
HETATM 586 O  O     . HOH E 3 .  ? 0.661   3.141   5.570   1.00 15.87 ? 128 HOH B O     1 
HETATM 587 O  O     . HOH E 3 .  ? 6.458   -15.201 -15.203 1.00 26.50 ? 129 HOH B O     1 
HETATM 588 O  O     . HOH E 3 .  ? 4.279   -9.403  8.818   1.00 35.68 ? 130 HOH B O     1 
HETATM 589 O  O     . HOH E 3 .  ? 4.393   -10.439 -4.925  1.00 20.78 ? 131 HOH B O     1 
HETATM 590 O  O     . HOH E 3 .  ? -2.135  3.070   -3.330  1.00 25.27 ? 132 HOH B O     1 
HETATM 591 O  O     . HOH E 3 .  ? 5.362   -15.337 1.979   1.00 29.16 ? 133 HOH B O     1 
HETATM 592 O  O     . HOH E 3 .  ? 2.919   -9.685  -1.840  1.00 32.05 ? 134 HOH B O     1 
HETATM 593 O  O     . HOH E 3 .  ? -10.198 5.963   9.950   1.00 37.13 ? 135 HOH B O     1 
HETATM 594 O  O     . HOH E 3 .  ? -6.157  2.761   -1.749  1.00 27.38 ? 136 HOH B O     1 
HETATM 595 O  O     . HOH E 3 .  ? 8.663   0.000   3.042   1.00 32.46 ? 137 HOH B O     1 
HETATM 596 O  O     . HOH E 3 .  ? 6.777   3.947   1.488   1.00 24.34 ? 138 HOH B O     1 
HETATM 597 O  O     . HOH E 3 .  ? -11.089 8.646   13.242  1.00 21.22 ? 139 HOH B O     1 
HETATM 598 O  O     . HOH E 3 .  ? -11.644 2.372   5.008   1.00 33.21 ? 140 HOH B O     1 
HETATM 599 O  O     . HOH E 3 .  ? -2.328  11.045  -7.148  1.00 29.26 ? 141 HOH B O     1 
HETATM 600 O  O     . HOH E 3 .  ? 9.062   -1.913  -0.992  1.00 19.44 ? 142 HOH B O     1 
HETATM 601 O  O     . HOH E 3 .  ? 11.590  -10.583 -2.053  1.00 22.38 ? 143 HOH B O     1 
HETATM 602 O  O     . HOH E 3 .  ? -15.120 3.853   4.628   1.00 40.16 ? 144 HOH B O     1 
HETATM 603 O  O     . HOH E 3 .  ? 7.984   4.694   6.958   1.00 38.67 ? 145 HOH B O     1 
HETATM 604 O  O     . HOH E 3 .  ? 2.883   -12.825 -5.129  1.00 34.60 ? 146 HOH B O     1 
HETATM 605 O  O     . HOH E 3 .  ? 3.080   7.406   -1.464  1.00 30.99 ? 147 HOH B O     1 
HETATM 606 O  O     . HOH E 3 .  ? 8.313   -18.546 -5.730  1.00 34.52 ? 148 HOH B O     1 
HETATM 607 O  O     . HOH E 3 .  ? 1.743   0.736   6.665   1.00 22.14 ? 149 HOH B O     1 
HETATM 608 O  O     . HOH E 3 .  ? 8.707   2.616   2.472   1.00 31.70 ? 150 HOH B O     1 
HETATM 609 O  O     . HOH E 3 .  ? 0.887   -9.140  5.507   1.00 38.49 ? 151 HOH B O     1 
HETATM 610 O  O     . HOH E 3 .  ? -1.143  9.949   5.124   1.00 25.77 ? 152 HOH B O     1 
HETATM 611 O  O     . HOH E 3 .  ? 2.292   -3.276  8.805   1.00 39.43 ? 153 HOH B O     1 
HETATM 612 O  O     . HOH E 3 .  ? -21.845 6.107   9.021   1.00 41.58 ? 154 HOH B O     1 
HETATM 613 O  O     . HOH E 3 .  ? 8.650   -7.799  3.019   1.00 40.62 ? 155 HOH B O     1 
HETATM 614 O  O     . HOH E 3 .  ? 0.390   -10.074 2.878   1.00 27.95 ? 156 HOH B O     1 
HETATM 615 O  O     . HOH E 3 .  ? 12.760  -12.962 -3.209  1.00 29.88 ? 157 HOH B O     1 
HETATM 616 O  O     . HOH E 3 .  ? 5.827   -20.427 -1.800  1.00 30.75 ? 158 HOH B O     1 
HETATM 617 O  O     . HOH E 3 .  ? -18.315 8.794   -4.878  1.00 31.76 ? 159 HOH B O     1 
HETATM 618 O  O     . HOH E 3 .  ? 10.519  -11.811 0.289   1.00 26.47 ? 160 HOH B O     1 
HETATM 619 O  O     . HOH E 3 .  ? 9.496   0.448   -1.813  1.00 49.21 ? 161 HOH B O     1 
HETATM 620 O  O     . HOH E 3 .  ? -19.826 4.655   -3.642  1.00 27.76 ? 162 HOH B O     1 
# 
loop_
_pdbx_poly_seq_scheme.asym_id 
_pdbx_poly_seq_scheme.entity_id 
_pdbx_poly_seq_scheme.seq_id 
_pdbx_poly_seq_scheme.mon_id 
_pdbx_poly_seq_scheme.ndb_seq_num 
_pdbx_poly_seq_scheme.pdb_seq_num 
_pdbx_poly_seq_scheme.auth_seq_num 
_pdbx_poly_seq_scheme.pdb_mon_id 
_pdbx_poly_seq_scheme.auth_mon_id 
_pdbx_poly_seq_scheme.pdb_strand_id 
_pdbx_poly_seq_scheme.pdb_ins_code 
_pdbx_poly_seq_scheme.hetero 
A 1 1  DC  1  1  1  DC  DC  A . n 
A 1 2  DG  2  2  2  DG  DG  A . n 
A 1 3  DC  3  3  3  DC  DC  A . n 
A 1 4  DG  4  4  4  DG  DG  A . n 
A 1 5  DA  5  5  5  DA  DA  A . n 
A 1 6  DA  6  6  6  DA  DA  A . n 
A 1 7  DT  7  7  7  DT  DT  A . n 
A 1 8  UWJ 8  8  8  UWJ 1TT A . n 
A 1 9  DC  9  9  9  DC  DC  A . n 
A 1 10 DG  10 10 10 DG  DG  A . n 
A 1 11 DC  11 11 11 DC  DC  A . n 
A 1 12 DG  12 12 12 DG  DG  A . n 
B 1 1  DC  1  13 13 DC  DC  B . n 
B 1 2  DG  2  14 14 DG  DG  B . n 
B 1 3  DC  3  15 15 DC  DC  B . n 
B 1 4  DG  4  16 16 DG  DG  B . n 
B 1 5  DA  5  17 17 DA  DA  B . n 
B 1 6  DA  6  18 18 DA  DA  B . n 
B 1 7  DT  7  19 19 DT  DT  B . n 
B 1 8  UWJ 8  20 20 UWJ 1TT B . n 
B 1 9  DC  9  21 21 DC  DC  B . n 
B 1 10 DG  10 22 22 DG  DG  B . n 
B 1 11 DC  11 23 23 DC  DC  B . n 
B 1 12 DG  12 24 24 DG  DG  B . n 
# 
loop_
_pdbx_nonpoly_scheme.asym_id 
_pdbx_nonpoly_scheme.entity_id 
_pdbx_nonpoly_scheme.mon_id 
_pdbx_nonpoly_scheme.ndb_seq_num 
_pdbx_nonpoly_scheme.pdb_seq_num 
_pdbx_nonpoly_scheme.auth_seq_num 
_pdbx_nonpoly_scheme.pdb_mon_id 
_pdbx_nonpoly_scheme.auth_mon_id 
_pdbx_nonpoly_scheme.pdb_strand_id 
_pdbx_nonpoly_scheme.pdb_ins_code 
C 2 MG  1  101 2   MG  MG  A . 
D 3 HOH 1  201 133 HOH HOH A . 
D 3 HOH 2  202 56  HOH HOH A . 
D 3 HOH 3  203 119 HOH HOH A . 
D 3 HOH 4  204 82  HOH HOH A . 
D 3 HOH 5  205 4   HOH HOH A . 
D 3 HOH 6  206 106 HOH HOH A . 
D 3 HOH 7  207 16  HOH HOH A . 
D 3 HOH 8  208 89  HOH HOH A . 
D 3 HOH 9  209 45  HOH HOH A . 
D 3 HOH 10 210 12  HOH HOH A . 
D 3 HOH 11 211 23  HOH HOH A . 
D 3 HOH 12 212 49  HOH HOH A . 
D 3 HOH 13 213 17  HOH HOH A . 
D 3 HOH 14 214 48  HOH HOH A . 
D 3 HOH 15 215 3   HOH HOH A . 
D 3 HOH 16 216 58  HOH HOH A . 
D 3 HOH 17 217 57  HOH HOH A . 
D 3 HOH 18 218 21  HOH HOH A . 
D 3 HOH 19 219 38  HOH HOH A . 
D 3 HOH 20 220 2   HOH HOH A . 
D 3 HOH 21 221 34  HOH HOH A . 
D 3 HOH 22 222 6   HOH HOH A . 
D 3 HOH 23 223 92  HOH HOH A . 
D 3 HOH 24 224 35  HOH HOH A . 
D 3 HOH 25 225 20  HOH HOH A . 
D 3 HOH 26 226 24  HOH HOH A . 
D 3 HOH 27 227 22  HOH HOH A . 
D 3 HOH 28 228 81  HOH HOH A . 
D 3 HOH 29 229 60  HOH HOH A . 
D 3 HOH 30 230 91  HOH HOH A . 
D 3 HOH 31 231 71  HOH HOH A . 
D 3 HOH 32 232 31  HOH HOH A . 
D 3 HOH 33 233 130 HOH HOH A . 
D 3 HOH 34 234 111 HOH HOH A . 
D 3 HOH 35 235 5   HOH HOH A . 
D 3 HOH 36 236 88  HOH HOH A . 
D 3 HOH 37 237 65  HOH HOH A . 
D 3 HOH 38 238 95  HOH HOH A . 
D 3 HOH 39 239 114 HOH HOH A . 
D 3 HOH 40 240 128 HOH HOH A . 
D 3 HOH 41 241 10  HOH HOH A . 
D 3 HOH 42 242 19  HOH HOH A . 
D 3 HOH 43 243 37  HOH HOH A . 
D 3 HOH 44 244 18  HOH HOH A . 
D 3 HOH 45 245 8   HOH HOH A . 
D 3 HOH 46 246 118 HOH HOH A . 
D 3 HOH 47 247 52  HOH HOH A . 
D 3 HOH 48 248 126 HOH HOH A . 
D 3 HOH 49 249 39  HOH HOH A . 
D 3 HOH 50 250 116 HOH HOH A . 
D 3 HOH 51 251 27  HOH HOH A . 
D 3 HOH 52 252 15  HOH HOH A . 
D 3 HOH 53 253 29  HOH HOH A . 
D 3 HOH 54 254 61  HOH HOH A . 
D 3 HOH 55 255 62  HOH HOH A . 
D 3 HOH 56 256 32  HOH HOH A . 
D 3 HOH 57 257 120 HOH HOH A . 
D 3 HOH 58 258 7   HOH HOH A . 
D 3 HOH 59 259 131 HOH HOH A . 
D 3 HOH 60 260 33  HOH HOH A . 
D 3 HOH 61 261 47  HOH HOH A . 
D 3 HOH 62 262 127 HOH HOH A . 
D 3 HOH 63 263 11  HOH HOH A . 
D 3 HOH 64 264 36  HOH HOH A . 
D 3 HOH 65 265 117 HOH HOH A . 
D 3 HOH 66 266 99  HOH HOH A . 
E 3 HOH 1  101 115 HOH HOH B . 
E 3 HOH 2  102 105 HOH HOH B . 
E 3 HOH 3  103 67  HOH HOH B . 
E 3 HOH 4  104 108 HOH HOH B . 
E 3 HOH 5  105 112 HOH HOH B . 
E 3 HOH 6  106 113 HOH HOH B . 
E 3 HOH 7  107 78  HOH HOH B . 
E 3 HOH 8  108 50  HOH HOH B . 
E 3 HOH 9  109 40  HOH HOH B . 
E 3 HOH 10 110 77  HOH HOH B . 
E 3 HOH 11 111 83  HOH HOH B . 
E 3 HOH 12 112 1   HOH HOH B . 
E 3 HOH 13 113 103 HOH HOH B . 
E 3 HOH 14 114 30  HOH HOH B . 
E 3 HOH 15 115 13  HOH HOH B . 
E 3 HOH 16 116 41  HOH HOH B . 
E 3 HOH 17 117 109 HOH HOH B . 
E 3 HOH 18 118 28  HOH HOH B . 
E 3 HOH 19 119 43  HOH HOH B . 
E 3 HOH 20 120 101 HOH HOH B . 
E 3 HOH 21 121 68  HOH HOH B . 
E 3 HOH 22 122 73  HOH HOH B . 
E 3 HOH 23 123 70  HOH HOH B . 
E 3 HOH 24 124 80  HOH HOH B . 
E 3 HOH 25 125 46  HOH HOH B . 
E 3 HOH 26 126 75  HOH HOH B . 
E 3 HOH 27 127 76  HOH HOH B . 
E 3 HOH 28 128 14  HOH HOH B . 
E 3 HOH 29 129 54  HOH HOH B . 
E 3 HOH 30 130 93  HOH HOH B . 
E 3 HOH 31 131 25  HOH HOH B . 
E 3 HOH 32 132 42  HOH HOH B . 
E 3 HOH 33 133 86  HOH HOH B . 
E 3 HOH 34 134 125 HOH HOH B . 
E 3 HOH 35 135 107 HOH HOH B . 
E 3 HOH 36 136 44  HOH HOH B . 
E 3 HOH 37 137 100 HOH HOH B . 
E 3 HOH 38 138 51  HOH HOH B . 
E 3 HOH 39 139 85  HOH HOH B . 
E 3 HOH 40 140 69  HOH HOH B . 
E 3 HOH 41 141 102 HOH HOH B . 
E 3 HOH 42 142 9   HOH HOH B . 
E 3 HOH 43 143 74  HOH HOH B . 
E 3 HOH 44 144 110 HOH HOH B . 
E 3 HOH 45 145 97  HOH HOH B . 
E 3 HOH 46 146 124 HOH HOH B . 
E 3 HOH 47 147 87  HOH HOH B . 
E 3 HOH 48 148 123 HOH HOH B . 
E 3 HOH 49 149 63  HOH HOH B . 
E 3 HOH 50 150 98  HOH HOH B . 
E 3 HOH 51 151 129 HOH HOH B . 
E 3 HOH 52 152 53  HOH HOH B . 
E 3 HOH 53 153 104 HOH HOH B . 
E 3 HOH 54 154 90  HOH HOH B . 
E 3 HOH 55 155 84  HOH HOH B . 
E 3 HOH 56 156 26  HOH HOH B . 
E 3 HOH 57 157 121 HOH HOH B . 
E 3 HOH 58 158 59  HOH HOH B . 
E 3 HOH 59 159 64  HOH HOH B . 
E 3 HOH 60 160 79  HOH HOH B . 
E 3 HOH 61 161 55  HOH HOH B . 
E 3 HOH 62 162 72  HOH HOH B . 
# 
_pdbx_struct_assembly.id                   1 
_pdbx_struct_assembly.details              author_and_software_defined_assembly 
_pdbx_struct_assembly.method_details       PISA 
_pdbx_struct_assembly.oligomeric_details   dimeric 
_pdbx_struct_assembly.oligomeric_count     2 
# 
_pdbx_struct_assembly_gen.assembly_id       1 
_pdbx_struct_assembly_gen.oper_expression   1 
_pdbx_struct_assembly_gen.asym_id_list      A,B,C,D,E 
# 
loop_
_pdbx_struct_assembly_prop.biol_id 
_pdbx_struct_assembly_prop.type 
_pdbx_struct_assembly_prop.value 
_pdbx_struct_assembly_prop.details 
1 'ABSA (A^2)' 1200 ? 
1 MORE         -4   ? 
1 'SSA (A^2)'  4590 ? 
# 
_pdbx_struct_oper_list.id                   1 
_pdbx_struct_oper_list.type                 'identity operation' 
_pdbx_struct_oper_list.name                 1_555 
_pdbx_struct_oper_list.symmetry_operation   x,y,z 
_pdbx_struct_oper_list.matrix[1][1]         1.0000000000 
_pdbx_struct_oper_list.matrix[1][2]         0.0000000000 
_pdbx_struct_oper_list.matrix[1][3]         0.0000000000 
_pdbx_struct_oper_list.vector[1]            0.0000000000 
_pdbx_struct_oper_list.matrix[2][1]         0.0000000000 
_pdbx_struct_oper_list.matrix[2][2]         1.0000000000 
_pdbx_struct_oper_list.matrix[2][3]         0.0000000000 
_pdbx_struct_oper_list.vector[2]            0.0000000000 
_pdbx_struct_oper_list.matrix[3][1]         0.0000000000 
_pdbx_struct_oper_list.matrix[3][2]         0.0000000000 
_pdbx_struct_oper_list.matrix[3][3]         1.0000000000 
_pdbx_struct_oper_list.vector[3]            0.0000000000 
# 
loop_
_pdbx_struct_conn_angle.id 
_pdbx_struct_conn_angle.ptnr1_label_atom_id 
_pdbx_struct_conn_angle.ptnr1_label_alt_id 
_pdbx_struct_conn_angle.ptnr1_label_asym_id 
_pdbx_struct_conn_angle.ptnr1_label_comp_id 
_pdbx_struct_conn_angle.ptnr1_label_seq_id 
_pdbx_struct_conn_angle.ptnr1_auth_atom_id 
_pdbx_struct_conn_angle.ptnr1_auth_asym_id 
_pdbx_struct_conn_angle.ptnr1_auth_comp_id 
_pdbx_struct_conn_angle.ptnr1_auth_seq_id 
_pdbx_struct_conn_angle.ptnr1_PDB_ins_code 
_pdbx_struct_conn_angle.ptnr1_symmetry 
_pdbx_struct_conn_angle.ptnr2_label_atom_id 
_pdbx_struct_conn_angle.ptnr2_label_alt_id 
_pdbx_struct_conn_angle.ptnr2_label_asym_id 
_pdbx_struct_conn_angle.ptnr2_label_comp_id 
_pdbx_struct_conn_angle.ptnr2_label_seq_id 
_pdbx_struct_conn_angle.ptnr2_auth_atom_id 
_pdbx_struct_conn_angle.ptnr2_auth_asym_id 
_pdbx_struct_conn_angle.ptnr2_auth_comp_id 
_pdbx_struct_conn_angle.ptnr2_auth_seq_id 
_pdbx_struct_conn_angle.ptnr2_PDB_ins_code 
_pdbx_struct_conn_angle.ptnr2_symmetry 
_pdbx_struct_conn_angle.ptnr3_label_atom_id 
_pdbx_struct_conn_angle.ptnr3_label_alt_id 
_pdbx_struct_conn_angle.ptnr3_label_asym_id 
_pdbx_struct_conn_angle.ptnr3_label_comp_id 
_pdbx_struct_conn_angle.ptnr3_label_seq_id 
_pdbx_struct_conn_angle.ptnr3_auth_atom_id 
_pdbx_struct_conn_angle.ptnr3_auth_asym_id 
_pdbx_struct_conn_angle.ptnr3_auth_comp_id 
_pdbx_struct_conn_angle.ptnr3_auth_seq_id 
_pdbx_struct_conn_angle.ptnr3_PDB_ins_code 
_pdbx_struct_conn_angle.ptnr3_symmetry 
_pdbx_struct_conn_angle.value 
_pdbx_struct_conn_angle.value_esd 
1  O ? D HOH . ? A HOH 205 ? 3_645 MG ? C MG . ? A MG 101 ? 1_555 O ? D HOH . ? A HOH 215 ? 1_555 174.4 ? 
2  O ? D HOH . ? A HOH 205 ? 3_645 MG ? C MG . ? A MG 101 ? 1_555 O ? D HOH . ? A HOH 220 ? 1_555 91.6  ? 
3  O ? D HOH . ? A HOH 215 ? 1_555 MG ? C MG . ? A MG 101 ? 1_555 O ? D HOH . ? A HOH 220 ? 1_555 92.5  ? 
4  O ? D HOH . ? A HOH 205 ? 3_645 MG ? C MG . ? A MG 101 ? 1_555 O ? D HOH . ? A HOH 222 ? 3_645 93.4  ? 
5  O ? D HOH . ? A HOH 215 ? 1_555 MG ? C MG . ? A MG 101 ? 1_555 O ? D HOH . ? A HOH 222 ? 3_645 90.4  ? 
6  O ? D HOH . ? A HOH 220 ? 1_555 MG ? C MG . ? A MG 101 ? 1_555 O ? D HOH . ? A HOH 222 ? 3_645 89.8  ? 
7  O ? D HOH . ? A HOH 205 ? 3_645 MG ? C MG . ? A MG 101 ? 1_555 O ? D HOH . ? A HOH 235 ? 1_555 86.2  ? 
8  O ? D HOH . ? A HOH 215 ? 1_555 MG ? C MG . ? A MG 101 ? 1_555 O ? D HOH . ? A HOH 235 ? 1_555 90.3  ? 
9  O ? D HOH . ? A HOH 220 ? 1_555 MG ? C MG . ? A MG 101 ? 1_555 O ? D HOH . ? A HOH 235 ? 1_555 86.3  ? 
10 O ? D HOH . ? A HOH 222 ? 3_645 MG ? C MG . ? A MG 101 ? 1_555 O ? D HOH . ? A HOH 235 ? 1_555 176.1 ? 
11 O ? D HOH . ? A HOH 205 ? 3_645 MG ? C MG . ? A MG 101 ? 1_555 O ? E HOH . ? B HOH 112 ? 3_645 86.3  ? 
12 O ? D HOH . ? A HOH 215 ? 1_555 MG ? C MG . ? A MG 101 ? 1_555 O ? E HOH . ? B HOH 112 ? 3_645 89.4  ? 
13 O ? D HOH . ? A HOH 220 ? 1_555 MG ? C MG . ? A MG 101 ? 1_555 O ? E HOH . ? B HOH 112 ? 3_645 176.7 ? 
14 O ? D HOH . ? A HOH 222 ? 3_645 MG ? C MG . ? A MG 101 ? 1_555 O ? E HOH . ? B HOH 112 ? 3_645 92.9  ? 
15 O ? D HOH . ? A HOH 235 ? 1_555 MG ? C MG . ? A MG 101 ? 1_555 O ? E HOH . ? B HOH 112 ? 3_645 91.0  ? 
# 
loop_
_pdbx_audit_revision_history.ordinal 
_pdbx_audit_revision_history.data_content_type 
_pdbx_audit_revision_history.major_revision 
_pdbx_audit_revision_history.minor_revision 
_pdbx_audit_revision_history.revision_date 
1 'Structure model' 1 0 2021-06-02 
2 'Structure model' 1 1 2022-12-28 
3 'Structure model' 1 2 2023-10-25 
# 
_pdbx_audit_revision_details.ordinal             1 
_pdbx_audit_revision_details.revision_ordinal    1 
_pdbx_audit_revision_details.data_content_type   'Structure model' 
_pdbx_audit_revision_details.provider            repository 
_pdbx_audit_revision_details.type                'Initial release' 
_pdbx_audit_revision_details.description         ? 
_pdbx_audit_revision_details.details             ? 
# 
loop_
_pdbx_audit_revision_group.ordinal 
_pdbx_audit_revision_group.revision_ordinal 
_pdbx_audit_revision_group.data_content_type 
_pdbx_audit_revision_group.group 
1 2 'Structure model' 'Database references'    
2 3 'Structure model' 'Data collection'        
3 3 'Structure model' 'Refinement description' 
# 
loop_
_pdbx_audit_revision_category.ordinal 
_pdbx_audit_revision_category.revision_ordinal 
_pdbx_audit_revision_category.data_content_type 
_pdbx_audit_revision_category.category 
1 2 'Structure model' citation                      
2 2 'Structure model' citation_author               
3 2 'Structure model' database_2                    
4 3 'Structure model' chem_comp_atom                
5 3 'Structure model' chem_comp_bond                
6 3 'Structure model' pdbx_initial_refinement_model 
# 
loop_
_pdbx_audit_revision_item.ordinal 
_pdbx_audit_revision_item.revision_ordinal 
_pdbx_audit_revision_item.data_content_type 
_pdbx_audit_revision_item.item 
1  2 'Structure model' '_citation.country'                   
2  2 'Structure model' '_citation.journal_abbrev'            
3  2 'Structure model' '_citation.journal_id_CSD'            
4  2 'Structure model' '_citation.journal_id_ISSN'           
5  2 'Structure model' '_citation.journal_volume'            
6  2 'Structure model' '_citation.page_first'                
7  2 'Structure model' '_citation.page_last'                 
8  2 'Structure model' '_citation.pdbx_database_id_DOI'      
9  2 'Structure model' '_citation.title'                     
10 2 'Structure model' '_citation.year'                      
11 2 'Structure model' '_database_2.pdbx_DOI'                
12 2 'Structure model' '_database_2.pdbx_database_accession' 
# 
_pdbx_phasing_MR.entry_id                     6X5D 
_pdbx_phasing_MR.method_rotation              ? 
_pdbx_phasing_MR.method_translation           ? 
_pdbx_phasing_MR.model_details                'Phaser MODE: MR_AUTO' 
_pdbx_phasing_MR.R_factor                     ? 
_pdbx_phasing_MR.R_rigid_body                 ? 
_pdbx_phasing_MR.correlation_coeff_Fo_to_Fc   ? 
_pdbx_phasing_MR.correlation_coeff_Io_to_Ic   ? 
_pdbx_phasing_MR.d_res_high_rotation          3.560 
_pdbx_phasing_MR.d_res_low_rotation           34.180 
_pdbx_phasing_MR.d_res_high_translation       3.560 
_pdbx_phasing_MR.d_res_low_translation        34.180 
_pdbx_phasing_MR.packing                      ? 
_pdbx_phasing_MR.reflns_percent_rotation      ? 
_pdbx_phasing_MR.reflns_percent_translation   ? 
_pdbx_phasing_MR.sigma_F_rotation             ? 
_pdbx_phasing_MR.sigma_F_translation          ? 
_pdbx_phasing_MR.sigma_I_rotation             ? 
_pdbx_phasing_MR.sigma_I_translation          ? 
# 
_phasing.method   MR 
# 
loop_
_software.citation_id 
_software.classification 
_software.compiler_name 
_software.compiler_version 
_software.contact_author 
_software.contact_author_email 
_software.date 
_software.description 
_software.dependencies 
_software.hardware 
_software.language 
_software.location 
_software.mods 
_software.name 
_software.os 
_software.os_version 
_software.type 
_software.version 
_software.pdbx_ordinal 
? 'data scaling'    ? ? ? ? ? ? ? ? ? ? ? SCALA       ? ? ? .        1 
? phasing           ? ? ? ? ? ? ? ? ? ? ? PHASER      ? ? ? 2.8.2    2 
? refinement        ? ? ? ? ? ? ? ? ? ? ? REFMAC      ? ? ? 5.8.0238 3 
? 'data extraction' ? ? ? ? ? ? ? ? ? ? ? PDB_EXTRACT ? ? ? 3.25     4 
? 'data reduction'  ? ? ? ? ? ? ? ? ? ? ? HKL-2000    ? ? ? .        5 
# 
_pdbx_entry_details.entry_id                 6X5D 
_pdbx_entry_details.has_ligand_of_interest   Y 
_pdbx_entry_details.compound_details         ? 
_pdbx_entry_details.source_details           ? 
_pdbx_entry_details.nonpolymer_details       ? 
_pdbx_entry_details.sequence_details         ? 
# 
loop_
_pdbx_validate_close_contact.id 
_pdbx_validate_close_contact.PDB_model_num 
_pdbx_validate_close_contact.auth_atom_id_1 
_pdbx_validate_close_contact.auth_asym_id_1 
_pdbx_validate_close_contact.auth_comp_id_1 
_pdbx_validate_close_contact.auth_seq_id_1 
_pdbx_validate_close_contact.PDB_ins_code_1 
_pdbx_validate_close_contact.label_alt_id_1 
_pdbx_validate_close_contact.auth_atom_id_2 
_pdbx_validate_close_contact.auth_asym_id_2 
_pdbx_validate_close_contact.auth_comp_id_2 
_pdbx_validate_close_contact.auth_seq_id_2 
_pdbx_validate_close_contact.PDB_ins_code_2 
_pdbx_validate_close_contact.label_alt_id_2 
_pdbx_validate_close_contact.dist 
1 1 O A HOH 238 ? ? O A HOH 246 ? ? 1.70 
2 1 O B HOH 117 ? ? O B HOH 125 ? ? 1.74 
# 
_pdbx_validate_rmsd_bond.id                        1 
_pdbx_validate_rmsd_bond.PDB_model_num             1 
_pdbx_validate_rmsd_bond.auth_atom_id_1            "C2'" 
_pdbx_validate_rmsd_bond.auth_asym_id_1            B 
_pdbx_validate_rmsd_bond.auth_comp_id_1            DC 
_pdbx_validate_rmsd_bond.auth_seq_id_1             13 
_pdbx_validate_rmsd_bond.PDB_ins_code_1            ? 
_pdbx_validate_rmsd_bond.label_alt_id_1            ? 
_pdbx_validate_rmsd_bond.auth_atom_id_2            "C1'" 
_pdbx_validate_rmsd_bond.auth_asym_id_2            B 
_pdbx_validate_rmsd_bond.auth_comp_id_2            DC 
_pdbx_validate_rmsd_bond.auth_seq_id_2             13 
_pdbx_validate_rmsd_bond.PDB_ins_code_2            ? 
_pdbx_validate_rmsd_bond.label_alt_id_2            ? 
_pdbx_validate_rmsd_bond.bond_value                1.581 
_pdbx_validate_rmsd_bond.bond_target_value         1.519 
_pdbx_validate_rmsd_bond.bond_deviation            0.062 
_pdbx_validate_rmsd_bond.bond_standard_deviation   0.010 
_pdbx_validate_rmsd_bond.linker_flag               N 
# 
_pdbx_validate_rmsd_angle.id                         1 
_pdbx_validate_rmsd_angle.PDB_model_num              1 
_pdbx_validate_rmsd_angle.auth_atom_id_1             "O5'" 
_pdbx_validate_rmsd_angle.auth_asym_id_1             A 
_pdbx_validate_rmsd_angle.auth_comp_id_1             DG 
_pdbx_validate_rmsd_angle.auth_seq_id_1              12 
_pdbx_validate_rmsd_angle.PDB_ins_code_1             ? 
_pdbx_validate_rmsd_angle.label_alt_id_1             ? 
_pdbx_validate_rmsd_angle.auth_atom_id_2             P 
_pdbx_validate_rmsd_angle.auth_asym_id_2             A 
_pdbx_validate_rmsd_angle.auth_comp_id_2             DG 
_pdbx_validate_rmsd_angle.auth_seq_id_2              12 
_pdbx_validate_rmsd_angle.PDB_ins_code_2             ? 
_pdbx_validate_rmsd_angle.label_alt_id_2             ? 
_pdbx_validate_rmsd_angle.auth_atom_id_3             OP2 
_pdbx_validate_rmsd_angle.auth_asym_id_3             A 
_pdbx_validate_rmsd_angle.auth_comp_id_3             DG 
_pdbx_validate_rmsd_angle.auth_seq_id_3              12 
_pdbx_validate_rmsd_angle.PDB_ins_code_3             ? 
_pdbx_validate_rmsd_angle.label_alt_id_3             ? 
_pdbx_validate_rmsd_angle.angle_value                99.72 
_pdbx_validate_rmsd_angle.angle_target_value         105.70 
_pdbx_validate_rmsd_angle.angle_deviation            -5.98 
_pdbx_validate_rmsd_angle.angle_standard_deviation   0.90 
_pdbx_validate_rmsd_angle.linker_flag                N 
# 
loop_
_pdbx_validate_planes.id 
_pdbx_validate_planes.PDB_model_num 
_pdbx_validate_planes.auth_comp_id 
_pdbx_validate_planes.auth_asym_id 
_pdbx_validate_planes.auth_seq_id 
_pdbx_validate_planes.PDB_ins_code 
_pdbx_validate_planes.label_alt_id 
_pdbx_validate_planes.rmsd 
_pdbx_validate_planes.type 
1 1 DC A 9  ? ? 0.068 'SIDE CHAIN' 
2 1 DC A 11 ? ? 0.069 'SIDE CHAIN' 
3 1 DG A 12 ? ? 0.053 'SIDE CHAIN' 
4 1 DC B 15 ? ? 0.080 'SIDE CHAIN' 
5 1 DC B 23 ? ? 0.102 'SIDE CHAIN' 
6 1 DG B 24 ? ? 0.059 'SIDE CHAIN' 
# 
loop_
_chem_comp_atom.comp_id 
_chem_comp_atom.atom_id 
_chem_comp_atom.type_symbol 
_chem_comp_atom.pdbx_aromatic_flag 
_chem_comp_atom.pdbx_stereo_config 
_chem_comp_atom.pdbx_ordinal 
DA  OP3    O  N N 1   
DA  P      P  N N 2   
DA  OP1    O  N N 3   
DA  OP2    O  N N 4   
DA  "O5'"  O  N N 5   
DA  "C5'"  C  N N 6   
DA  "C4'"  C  N R 7   
DA  "O4'"  O  N N 8   
DA  "C3'"  C  N S 9   
DA  "O3'"  O  N N 10  
DA  "C2'"  C  N N 11  
DA  "C1'"  C  N R 12  
DA  N9     N  Y N 13  
DA  C8     C  Y N 14  
DA  N7     N  Y N 15  
DA  C5     C  Y N 16  
DA  C6     C  Y N 17  
DA  N6     N  N N 18  
DA  N1     N  Y N 19  
DA  C2     C  Y N 20  
DA  N3     N  Y N 21  
DA  C4     C  Y N 22  
DA  HOP3   H  N N 23  
DA  HOP2   H  N N 24  
DA  "H5'"  H  N N 25  
DA  "H5''" H  N N 26  
DA  "H4'"  H  N N 27  
DA  "H3'"  H  N N 28  
DA  "HO3'" H  N N 29  
DA  "H2'"  H  N N 30  
DA  "H2''" H  N N 31  
DA  "H1'"  H  N N 32  
DA  H8     H  N N 33  
DA  H61    H  N N 34  
DA  H62    H  N N 35  
DA  H2     H  N N 36  
DC  OP3    O  N N 37  
DC  P      P  N N 38  
DC  OP1    O  N N 39  
DC  OP2    O  N N 40  
DC  "O5'"  O  N N 41  
DC  "C5'"  C  N N 42  
DC  "C4'"  C  N R 43  
DC  "O4'"  O  N N 44  
DC  "C3'"  C  N S 45  
DC  "O3'"  O  N N 46  
DC  "C2'"  C  N N 47  
DC  "C1'"  C  N R 48  
DC  N1     N  N N 49  
DC  C2     C  N N 50  
DC  O2     O  N N 51  
DC  N3     N  N N 52  
DC  C4     C  N N 53  
DC  N4     N  N N 54  
DC  C5     C  N N 55  
DC  C6     C  N N 56  
DC  HOP3   H  N N 57  
DC  HOP2   H  N N 58  
DC  "H5'"  H  N N 59  
DC  "H5''" H  N N 60  
DC  "H4'"  H  N N 61  
DC  "H3'"  H  N N 62  
DC  "HO3'" H  N N 63  
DC  "H2'"  H  N N 64  
DC  "H2''" H  N N 65  
DC  "H1'"  H  N N 66  
DC  H41    H  N N 67  
DC  H42    H  N N 68  
DC  H5     H  N N 69  
DC  H6     H  N N 70  
DG  OP3    O  N N 71  
DG  P      P  N N 72  
DG  OP1    O  N N 73  
DG  OP2    O  N N 74  
DG  "O5'"  O  N N 75  
DG  "C5'"  C  N N 76  
DG  "C4'"  C  N R 77  
DG  "O4'"  O  N N 78  
DG  "C3'"  C  N S 79  
DG  "O3'"  O  N N 80  
DG  "C2'"  C  N N 81  
DG  "C1'"  C  N R 82  
DG  N9     N  Y N 83  
DG  C8     C  Y N 84  
DG  N7     N  Y N 85  
DG  C5     C  Y N 86  
DG  C6     C  N N 87  
DG  O6     O  N N 88  
DG  N1     N  N N 89  
DG  C2     C  N N 90  
DG  N2     N  N N 91  
DG  N3     N  N N 92  
DG  C4     C  Y N 93  
DG  HOP3   H  N N 94  
DG  HOP2   H  N N 95  
DG  "H5'"  H  N N 96  
DG  "H5''" H  N N 97  
DG  "H4'"  H  N N 98  
DG  "H3'"  H  N N 99  
DG  "HO3'" H  N N 100 
DG  "H2'"  H  N N 101 
DG  "H2''" H  N N 102 
DG  "H1'"  H  N N 103 
DG  H8     H  N N 104 
DG  H1     H  N N 105 
DG  H21    H  N N 106 
DG  H22    H  N N 107 
DT  OP3    O  N N 108 
DT  P      P  N N 109 
DT  OP1    O  N N 110 
DT  OP2    O  N N 111 
DT  "O5'"  O  N N 112 
DT  "C5'"  C  N N 113 
DT  "C4'"  C  N R 114 
DT  "O4'"  O  N N 115 
DT  "C3'"  C  N S 116 
DT  "O3'"  O  N N 117 
DT  "C2'"  C  N N 118 
DT  "C1'"  C  N R 119 
DT  N1     N  N N 120 
DT  C2     C  N N 121 
DT  O2     O  N N 122 
DT  N3     N  N N 123 
DT  C4     C  N N 124 
DT  O4     O  N N 125 
DT  C5     C  N N 126 
DT  C7     C  N N 127 
DT  C6     C  N N 128 
DT  HOP3   H  N N 129 
DT  HOP2   H  N N 130 
DT  "H5'"  H  N N 131 
DT  "H5''" H  N N 132 
DT  "H4'"  H  N N 133 
DT  "H3'"  H  N N 134 
DT  "HO3'" H  N N 135 
DT  "H2'"  H  N N 136 
DT  "H2''" H  N N 137 
DT  "H1'"  H  N N 138 
DT  H3     H  N N 139 
DT  H71    H  N N 140 
DT  H72    H  N N 141 
DT  H73    H  N N 142 
DT  H6     H  N N 143 
HOH O      O  N N 144 
HOH H1     H  N N 145 
HOH H2     H  N N 146 
MG  MG     MG N N 147 
UWJ C2     C  N N 148 
UWJ C6     C  N N 149 
UWJ OP2    O  N N 150 
UWJ P      P  N N 151 
UWJ OP1    O  N N 152 
UWJ "O5'"  O  N N 153 
UWJ "C5'"  C  N N 154 
UWJ "C4'"  C  N R 155 
UWJ "O4'"  O  N N 156 
UWJ "C3'"  C  N R 157 
UWJ "O3'"  O  N N 158 
UWJ "C2'"  C  N S 159 
UWJ SE2    SE N N 160 
UWJ "CA'"  C  N N 161 
UWJ "C1'"  C  N R 162 
UWJ N1     N  N N 163 
UWJ O2     O  N N 164 
UWJ C5     C  N N 165 
UWJ C7     C  N N 166 
UWJ C4     C  N N 167 
UWJ N3     N  N N 168 
UWJ O4     O  N N 169 
UWJ O1     O  N N 170 
UWJ H6     H  N N 171 
UWJ H1     H  N N 172 
UWJ "H5'1" H  N N 173 
UWJ "H5'2" H  N N 174 
UWJ "H4'"  H  N N 175 
UWJ "H3'"  H  N N 176 
UWJ "HO3'" H  N N 177 
UWJ "H2'"  H  N N 178 
UWJ "HA'1" H  N N 179 
UWJ "HA'3" H  N N 180 
UWJ "HA'2" H  N N 181 
UWJ "H1'"  H  N N 182 
UWJ H72    H  N N 183 
UWJ H2     H  N N 184 
UWJ H71    H  N N 185 
UWJ H3     H  N N 186 
UWJ H4     H  N N 187 
# 
loop_
_chem_comp_bond.comp_id 
_chem_comp_bond.atom_id_1 
_chem_comp_bond.atom_id_2 
_chem_comp_bond.value_order 
_chem_comp_bond.pdbx_aromatic_flag 
_chem_comp_bond.pdbx_stereo_config 
_chem_comp_bond.pdbx_ordinal 
DA  OP3   P      sing N N 1   
DA  OP3   HOP3   sing N N 2   
DA  P     OP1    doub N N 3   
DA  P     OP2    sing N N 4   
DA  P     "O5'"  sing N N 5   
DA  OP2   HOP2   sing N N 6   
DA  "O5'" "C5'"  sing N N 7   
DA  "C5'" "C4'"  sing N N 8   
DA  "C5'" "H5'"  sing N N 9   
DA  "C5'" "H5''" sing N N 10  
DA  "C4'" "O4'"  sing N N 11  
DA  "C4'" "C3'"  sing N N 12  
DA  "C4'" "H4'"  sing N N 13  
DA  "O4'" "C1'"  sing N N 14  
DA  "C3'" "O3'"  sing N N 15  
DA  "C3'" "C2'"  sing N N 16  
DA  "C3'" "H3'"  sing N N 17  
DA  "O3'" "HO3'" sing N N 18  
DA  "C2'" "C1'"  sing N N 19  
DA  "C2'" "H2'"  sing N N 20  
DA  "C2'" "H2''" sing N N 21  
DA  "C1'" N9     sing N N 22  
DA  "C1'" "H1'"  sing N N 23  
DA  N9    C8     sing Y N 24  
DA  N9    C4     sing Y N 25  
DA  C8    N7     doub Y N 26  
DA  C8    H8     sing N N 27  
DA  N7    C5     sing Y N 28  
DA  C5    C6     sing Y N 29  
DA  C5    C4     doub Y N 30  
DA  C6    N6     sing N N 31  
DA  C6    N1     doub Y N 32  
DA  N6    H61    sing N N 33  
DA  N6    H62    sing N N 34  
DA  N1    C2     sing Y N 35  
DA  C2    N3     doub Y N 36  
DA  C2    H2     sing N N 37  
DA  N3    C4     sing Y N 38  
DC  OP3   P      sing N N 39  
DC  OP3   HOP3   sing N N 40  
DC  P     OP1    doub N N 41  
DC  P     OP2    sing N N 42  
DC  P     "O5'"  sing N N 43  
DC  OP2   HOP2   sing N N 44  
DC  "O5'" "C5'"  sing N N 45  
DC  "C5'" "C4'"  sing N N 46  
DC  "C5'" "H5'"  sing N N 47  
DC  "C5'" "H5''" sing N N 48  
DC  "C4'" "O4'"  sing N N 49  
DC  "C4'" "C3'"  sing N N 50  
DC  "C4'" "H4'"  sing N N 51  
DC  "O4'" "C1'"  sing N N 52  
DC  "C3'" "O3'"  sing N N 53  
DC  "C3'" "C2'"  sing N N 54  
DC  "C3'" "H3'"  sing N N 55  
DC  "O3'" "HO3'" sing N N 56  
DC  "C2'" "C1'"  sing N N 57  
DC  "C2'" "H2'"  sing N N 58  
DC  "C2'" "H2''" sing N N 59  
DC  "C1'" N1     sing N N 60  
DC  "C1'" "H1'"  sing N N 61  
DC  N1    C2     sing N N 62  
DC  N1    C6     sing N N 63  
DC  C2    O2     doub N N 64  
DC  C2    N3     sing N N 65  
DC  N3    C4     doub N N 66  
DC  C4    N4     sing N N 67  
DC  C4    C5     sing N N 68  
DC  N4    H41    sing N N 69  
DC  N4    H42    sing N N 70  
DC  C5    C6     doub N N 71  
DC  C5    H5     sing N N 72  
DC  C6    H6     sing N N 73  
DG  OP3   P      sing N N 74  
DG  OP3   HOP3   sing N N 75  
DG  P     OP1    doub N N 76  
DG  P     OP2    sing N N 77  
DG  P     "O5'"  sing N N 78  
DG  OP2   HOP2   sing N N 79  
DG  "O5'" "C5'"  sing N N 80  
DG  "C5'" "C4'"  sing N N 81  
DG  "C5'" "H5'"  sing N N 82  
DG  "C5'" "H5''" sing N N 83  
DG  "C4'" "O4'"  sing N N 84  
DG  "C4'" "C3'"  sing N N 85  
DG  "C4'" "H4'"  sing N N 86  
DG  "O4'" "C1'"  sing N N 87  
DG  "C3'" "O3'"  sing N N 88  
DG  "C3'" "C2'"  sing N N 89  
DG  "C3'" "H3'"  sing N N 90  
DG  "O3'" "HO3'" sing N N 91  
DG  "C2'" "C1'"  sing N N 92  
DG  "C2'" "H2'"  sing N N 93  
DG  "C2'" "H2''" sing N N 94  
DG  "C1'" N9     sing N N 95  
DG  "C1'" "H1'"  sing N N 96  
DG  N9    C8     sing Y N 97  
DG  N9    C4     sing Y N 98  
DG  C8    N7     doub Y N 99  
DG  C8    H8     sing N N 100 
DG  N7    C5     sing Y N 101 
DG  C5    C6     sing N N 102 
DG  C5    C4     doub Y N 103 
DG  C6    O6     doub N N 104 
DG  C6    N1     sing N N 105 
DG  N1    C2     sing N N 106 
DG  N1    H1     sing N N 107 
DG  C2    N2     sing N N 108 
DG  C2    N3     doub N N 109 
DG  N2    H21    sing N N 110 
DG  N2    H22    sing N N 111 
DG  N3    C4     sing N N 112 
DT  OP3   P      sing N N 113 
DT  OP3   HOP3   sing N N 114 
DT  P     OP1    doub N N 115 
DT  P     OP2    sing N N 116 
DT  P     "O5'"  sing N N 117 
DT  OP2   HOP2   sing N N 118 
DT  "O5'" "C5'"  sing N N 119 
DT  "C5'" "C4'"  sing N N 120 
DT  "C5'" "H5'"  sing N N 121 
DT  "C5'" "H5''" sing N N 122 
DT  "C4'" "O4'"  sing N N 123 
DT  "C4'" "C3'"  sing N N 124 
DT  "C4'" "H4'"  sing N N 125 
DT  "O4'" "C1'"  sing N N 126 
DT  "C3'" "O3'"  sing N N 127 
DT  "C3'" "C2'"  sing N N 128 
DT  "C3'" "H3'"  sing N N 129 
DT  "O3'" "HO3'" sing N N 130 
DT  "C2'" "C1'"  sing N N 131 
DT  "C2'" "H2'"  sing N N 132 
DT  "C2'" "H2''" sing N N 133 
DT  "C1'" N1     sing N N 134 
DT  "C1'" "H1'"  sing N N 135 
DT  N1    C2     sing N N 136 
DT  N1    C6     sing N N 137 
DT  C2    O2     doub N N 138 
DT  C2    N3     sing N N 139 
DT  N3    C4     sing N N 140 
DT  N3    H3     sing N N 141 
DT  C4    O4     doub N N 142 
DT  C4    C5     sing N N 143 
DT  C5    C7     sing N N 144 
DT  C5    C6     doub N N 145 
DT  C7    H71    sing N N 146 
DT  C7    H72    sing N N 147 
DT  C7    H73    sing N N 148 
DT  C6    H6     sing N N 149 
HOH O     H1     sing N N 150 
HOH O     H2     sing N N 151 
UWJ OP2   P      doub N N 152 
UWJ P     OP1    sing N N 153 
UWJ P     "O5'"  sing N N 154 
UWJ "C5'" "O5'"  sing N N 155 
UWJ "C5'" "C4'"  sing N N 156 
UWJ "C4'" "O4'"  sing N N 157 
UWJ "C4'" "C3'"  sing N N 158 
UWJ "O4'" "C1'"  sing N N 159 
UWJ C7    C5     sing N N 160 
UWJ C6    C5     doub N N 161 
UWJ C6    N1     sing N N 162 
UWJ C5    C4     sing N N 163 
UWJ "C3'" "O3'"  sing N N 164 
UWJ "C3'" "C2'"  sing N N 165 
UWJ "C1'" N1     sing N N 166 
UWJ "C1'" "C2'"  sing N N 167 
UWJ O4    C4     doub N N 168 
UWJ N1    C2     sing N N 169 
UWJ C4    N3     sing N N 170 
UWJ C2    N3     sing N N 171 
UWJ C2    O2     doub N N 172 
UWJ "C2'" SE2    sing N N 173 
UWJ SE2   "CA'"  sing N N 174 
UWJ P     O1     sing N N 175 
UWJ C6    H6     sing N N 176 
UWJ OP1   H1     sing N N 177 
UWJ "C5'" "H5'1" sing N N 178 
UWJ "C5'" "H5'2" sing N N 179 
UWJ "C4'" "H4'"  sing N N 180 
UWJ "C3'" "H3'"  sing N N 181 
UWJ "O3'" "HO3'" sing N N 182 
UWJ "C2'" "H2'"  sing N N 183 
UWJ "CA'" "HA'1" sing N N 184 
UWJ "CA'" "HA'3" sing N N 185 
UWJ "CA'" "HA'2" sing N N 186 
UWJ "C1'" "H1'"  sing N N 187 
UWJ C7    H72    sing N N 188 
UWJ C7    H2     sing N N 189 
UWJ C7    H71    sing N N 190 
UWJ N3    H3     sing N N 191 
UWJ O1    H4     sing N N 192 
# 
loop_
_ndb_struct_conf_na.entry_id 
_ndb_struct_conf_na.feature 
6X5D 'double helix'        
6X5D 'b-form double helix' 
# 
loop_
_ndb_struct_na_base_pair.model_number 
_ndb_struct_na_base_pair.i_label_asym_id 
_ndb_struct_na_base_pair.i_label_comp_id 
_ndb_struct_na_base_pair.i_label_seq_id 
_ndb_struct_na_base_pair.i_symmetry 
_ndb_struct_na_base_pair.j_label_asym_id 
_ndb_struct_na_base_pair.j_label_comp_id 
_ndb_struct_na_base_pair.j_label_seq_id 
_ndb_struct_na_base_pair.j_symmetry 
_ndb_struct_na_base_pair.shear 
_ndb_struct_na_base_pair.stretch 
_ndb_struct_na_base_pair.stagger 
_ndb_struct_na_base_pair.buckle 
_ndb_struct_na_base_pair.propeller 
_ndb_struct_na_base_pair.opening 
_ndb_struct_na_base_pair.pair_number 
_ndb_struct_na_base_pair.pair_name 
_ndb_struct_na_base_pair.i_auth_asym_id 
_ndb_struct_na_base_pair.i_auth_seq_id 
_ndb_struct_na_base_pair.i_PDB_ins_code 
_ndb_struct_na_base_pair.j_auth_asym_id 
_ndb_struct_na_base_pair.j_auth_seq_id 
_ndb_struct_na_base_pair.j_PDB_ins_code 
_ndb_struct_na_base_pair.hbond_type_28 
_ndb_struct_na_base_pair.hbond_type_12 
1 A DC 1  1_555 B DG 12 1_555 0.267  -0.132 0.019 4.839   -14.555 0.210  1  A_DC1:DG24_B  A 1  ? B 24 ? 19 1 
1 A DG 2  1_555 B DC 11 1_555 -0.218 -0.200 0.372 6.506   -13.862 -1.867 2  A_DG2:DC23_B  A 2  ? B 23 ? 19 1 
1 A DC 3  1_555 B DG 10 1_555 0.156  -0.182 0.149 -1.934  -7.200  -1.058 3  A_DC3:DG22_B  A 3  ? B 22 ? 19 1 
1 A DG 4  1_555 B DC 9  1_555 -0.231 -0.116 0.149 15.200  -7.646  0.833  4  A_DG4:DC21_B  A 4  ? B 21 ? 19 1 
1 A DA 6  1_555 B DT 7  1_555 0.036  -0.119 0.080 1.513   -17.947 5.703  5  A_DA6:DT19_B  A 6  ? B 19 ? 20 1 
1 A DT 7  1_555 B DA 6  1_555 -0.061 -0.099 0.029 -0.525  -15.949 4.088  6  A_DT7:DA18_B  A 7  ? B 18 ? 20 1 
1 A DC 9  1_555 B DG 4  1_555 0.208  -0.144 0.043 -13.052 -7.677  -2.515 7  A_DC9:DG16_B  A 9  ? B 16 ? 19 1 
1 A DG 10 1_555 B DC 3  1_555 -0.157 -0.104 0.168 3.735   -8.843  2.095  8  A_DG10:DC15_B A 10 ? B 15 ? 19 1 
1 A DC 11 1_555 B DG 2  1_555 0.127  -0.181 0.090 1.853   -17.687 -1.871 9  A_DC11:DG14_B A 11 ? B 14 ? 19 1 
1 A DG 12 1_555 B DC 1  1_555 -0.255 -0.109 0.265 3.348   -5.219  -0.617 10 A_DG12:DC13_B A 12 ? B 13 ? 19 1 
# 
loop_
_ndb_struct_na_base_pair_step.model_number 
_ndb_struct_na_base_pair_step.i_label_asym_id_1 
_ndb_struct_na_base_pair_step.i_label_comp_id_1 
_ndb_struct_na_base_pair_step.i_label_seq_id_1 
_ndb_struct_na_base_pair_step.i_symmetry_1 
_ndb_struct_na_base_pair_step.j_label_asym_id_1 
_ndb_struct_na_base_pair_step.j_label_comp_id_1 
_ndb_struct_na_base_pair_step.j_label_seq_id_1 
_ndb_struct_na_base_pair_step.j_symmetry_1 
_ndb_struct_na_base_pair_step.i_label_asym_id_2 
_ndb_struct_na_base_pair_step.i_label_comp_id_2 
_ndb_struct_na_base_pair_step.i_label_seq_id_2 
_ndb_struct_na_base_pair_step.i_symmetry_2 
_ndb_struct_na_base_pair_step.j_label_asym_id_2 
_ndb_struct_na_base_pair_step.j_label_comp_id_2 
_ndb_struct_na_base_pair_step.j_label_seq_id_2 
_ndb_struct_na_base_pair_step.j_symmetry_2 
_ndb_struct_na_base_pair_step.shift 
_ndb_struct_na_base_pair_step.slide 
_ndb_struct_na_base_pair_step.rise 
_ndb_struct_na_base_pair_step.tilt 
_ndb_struct_na_base_pair_step.roll 
_ndb_struct_na_base_pair_step.twist 
_ndb_struct_na_base_pair_step.x_displacement 
_ndb_struct_na_base_pair_step.y_displacement 
_ndb_struct_na_base_pair_step.helical_rise 
_ndb_struct_na_base_pair_step.inclination 
_ndb_struct_na_base_pair_step.tip 
_ndb_struct_na_base_pair_step.helical_twist 
_ndb_struct_na_base_pair_step.step_number 
_ndb_struct_na_base_pair_step.step_name 
_ndb_struct_na_base_pair_step.i_auth_asym_id_1 
_ndb_struct_na_base_pair_step.i_auth_seq_id_1 
_ndb_struct_na_base_pair_step.i_PDB_ins_code_1 
_ndb_struct_na_base_pair_step.j_auth_asym_id_1 
_ndb_struct_na_base_pair_step.j_auth_seq_id_1 
_ndb_struct_na_base_pair_step.j_PDB_ins_code_1 
_ndb_struct_na_base_pair_step.i_auth_asym_id_2 
_ndb_struct_na_base_pair_step.i_auth_seq_id_2 
_ndb_struct_na_base_pair_step.i_PDB_ins_code_2 
_ndb_struct_na_base_pair_step.j_auth_asym_id_2 
_ndb_struct_na_base_pair_step.j_auth_seq_id_2 
_ndb_struct_na_base_pair_step.j_PDB_ins_code_2 
1 A DC 1  1_555 B DG 12 1_555 A DG 2  1_555 B DC 11 1_555 -0.030 0.092  3.257 -2.893 7.376   33.992 -0.966 -0.389 3.198 12.408  
4.867  34.877 1 AA_DC1DG2:DC23DG24_BB   A 1  ? B 24 ? A 2  ? B 23 ? 
1 A DG 2  1_555 B DC 11 1_555 A DC 3  1_555 B DG 10 1_555 0.532  0.444  3.519 1.948  -7.217  42.836 1.347  -0.517 3.424 -9.792  
-2.643 43.453 2 AA_DG2DC3:DG22DC23_BB   A 2  ? B 23 ? A 3  ? B 22 ? 
1 A DC 3  1_555 B DG 10 1_555 A DG 4  1_555 B DC 9  1_555 -0.257 0.424  2.986 0.414  9.466   25.866 -1.282 0.636  2.950 20.299  
-0.887 27.519 3 AA_DC3DG4:DC21DG22_BB   A 3  ? B 22 ? A 4  ? B 21 ? 
1 A DG 4  1_555 B DC 9  1_555 A DA 6  1_555 B DT 7  1_555 -0.010 -0.907 6.767 -0.672 2.858   72.724 -0.957 -0.037 6.732 2.409   
0.567  72.775 4 AA_DG4DA6:DT19DC21_BB   A 4  ? B 21 ? A 6  ? B 19 ? 
1 A DA 6  1_555 B DT 7  1_555 A DT 7  1_555 B DA 6  1_555 0.015  -0.572 3.256 0.242  -2.167  31.903 -0.647 0.017  3.287 -3.937  
-0.439 31.976 5 AA_DA6DT7:DA18DT19_BB   A 6  ? B 19 ? A 7  ? B 18 ? 
1 A DT 7  1_555 B DA 6  1_555 A DC 9  1_555 B DG 4  1_555 -0.436 -0.894 6.745 1.268  -2.780  77.663 -0.550 0.422  6.762 -2.216  
-1.011 77.714 6 AA_DT7DC9:DG16DA18_BB   A 7  ? B 18 ? A 9  ? B 16 ? 
1 A DC 9  1_555 B DG 4  1_555 A DG 10 1_555 B DC 3  1_555 0.538  0.753  3.000 -2.688 4.257   24.947 0.576  -1.939 3.011 9.728   
6.143  25.442 7 AA_DC9DG10:DC15DG16_BB  A 9  ? B 16 ? A 10 ? B 15 ? 
1 A DG 10 1_555 B DC 3  1_555 A DC 11 1_555 B DG 2  1_555 -1.243 0.663  3.328 -2.426 -10.266 43.667 1.807  1.407  3.163 -13.567 
3.206  44.863 8 AA_DG10DC11:DG14DC15_BB A 10 ? B 15 ? A 11 ? B 14 ? 
1 A DC 11 1_555 B DG 2  1_555 A DG 12 1_555 B DC 1  1_555 -0.093 0.341  3.187 -1.319 5.887   32.059 -0.402 -0.060 3.199 10.542  
2.361  32.607 9 AA_DC11DG12:DC13DG14_BB A 11 ? B 14 ? A 12 ? B 13 ? 
# 
_pdbx_audit_support.funding_organization   'National Science Foundation (NSF, United States)' 
_pdbx_audit_support.country                'United States' 
_pdbx_audit_support.grant_number           ? 
_pdbx_audit_support.ordinal                1 
# 
_pdbx_entity_instance_feature.ordinal        1 
_pdbx_entity_instance_feature.comp_id        UWJ 
_pdbx_entity_instance_feature.asym_id        ? 
_pdbx_entity_instance_feature.seq_num        ? 
_pdbx_entity_instance_feature.auth_comp_id   UWJ 
_pdbx_entity_instance_feature.auth_asym_id   ? 
_pdbx_entity_instance_feature.auth_seq_num   ? 
_pdbx_entity_instance_feature.feature_type   'SUBJECT OF INVESTIGATION' 
_pdbx_entity_instance_feature.details        ? 
# 
loop_
_pdbx_entity_nonpoly.entity_id 
_pdbx_entity_nonpoly.name 
_pdbx_entity_nonpoly.comp_id 
2 'MAGNESIUM ION' MG  
3 water           HOH 
# 
_pdbx_initial_refinement_model.id               1 
_pdbx_initial_refinement_model.entity_id_list   ? 
_pdbx_initial_refinement_model.type             'experimental model' 
_pdbx_initial_refinement_model.source_name      PDB 
_pdbx_initial_refinement_model.accession_code   355D 
_pdbx_initial_refinement_model.details          ? 
# 
